data_5FBS
#
_entry.id   5FBS
#
_cell.length_a   58.510
_cell.length_b   58.510
_cell.length_c   601.860
_cell.angle_alpha   90.00
_cell.angle_beta   90.00
_cell.angle_gamma   90.00
#
_symmetry.space_group_name_H-M   'P 41 21 2'
#
loop_
_entity.id
_entity.type
_entity.pdbx_description
1 polymer 'Phosphoenolpyruvate synthase'
2 non-polymer 'MAGNESIUM ION'
3 non-polymer "ADENOSINE-5'-DIPHOSPHATE"
4 water water
#
_entity_poly.entity_id   1
_entity_poly.type   'polypeptide(L)'
_entity_poly.pdbx_seq_one_letter_code
;MKPYVLKFQEIRPHSEALVGGKGMNLGACSNIEGVHVPAGFCLTTEAYKRTLAENNEFTQLLQRLSSLKTSDMDAIREIS
ETIRTLIQHTQIPSEIASYMDATLLDVGGYEMPFAVRSSATAEDLPHASFAGQHDTYLNIIGKDALLQHISMCWASLFTE
RAIIYRIQNQFDHRKVQLAVVIQQMISPEASGILFTADPITSNRKSLSIDASFGLGEALVSGLVSADSYTVRENTITNKI
IATKKLAIYSLKEGGTETRILEKSQQTKQTLTDQQIIQLAKLGRKIEAYFGKPQDIEWCLAEGAFYIVQSRPITTLYPIP
EVNEPGNRVYISVAHQQMMTDAMKPLGLSFYLMTTPATMYTAGGRLFVDITQSLSAKVSRDMMVNSLGQSDPLIKDALLT
VINKKGFLPPLPTEENPSHATVSGKPPVRSIPDSSSVFELVRNSENSIKHLKQSIETKSGSDLFDFIVEDLEELKRVLFN
PTSIDAIMAGMDASAWLNEHIYQWLGEKNVADKLSESAPNNITSQMGLELLDVADVIRPYPAVRAYLEQTKNPDFMNELA
TLEGGAETKKALEDYLQKYGMRCAGEIDLTKTRWIENPLTLIPLILSNIKNFDSSASMHKFAQGEKEAFHKEQEILRRLQ
ELPDGEQKAMETKEKIDILRHFIGYREYPKYGMINRYFIYKLALLRAGEQLVKDGILQEHEDIYFLYFEELREVVRTGQV
DYELINARKRDFATFEKLTPPRILTSDGEMINGEYKRENLPKDAILGLPVSSGTVEGRARVILEMEKADLEDGDILVTAY
TDPSWTPAFVSIKGLVTEVGGLMTHGAVIAREYGLPAVVGVENATTIIKDGQQIRINGTEGYIEILD
;
_entity_poly.pdbx_strand_id   A
#
loop_
_chem_comp.id
_chem_comp.type
_chem_comp.name
_chem_comp.formula
ADP non-polymer ADENOSINE-5'-DIPHOSPHATE 'C10 H15 N5 O10 P2'
MG non-polymer 'MAGNESIUM ION' 'Mg 2'
#
# COMPACT_ATOMS: atom_id res chain seq x y z
N LYS A 2 21.28 -7.83 -33.21
CA LYS A 2 22.14 -6.89 -33.88
C LYS A 2 21.65 -6.68 -35.31
N PRO A 3 20.28 -6.73 -35.51
CA PRO A 3 19.84 -6.61 -36.90
C PRO A 3 19.20 -5.36 -37.56
N TYR A 4 19.13 -4.18 -36.98
CA TYR A 4 18.50 -3.06 -37.70
C TYR A 4 17.02 -3.25 -37.83
N VAL A 5 16.56 -4.35 -38.39
CA VAL A 5 15.10 -4.47 -38.42
C VAL A 5 14.67 -5.86 -37.97
N LEU A 6 13.71 -5.92 -37.06
CA LEU A 6 13.22 -7.21 -36.57
C LEU A 6 11.72 -7.40 -36.85
N LYS A 7 11.40 -8.47 -37.54
CA LYS A 7 10.02 -8.84 -37.82
C LYS A 7 9.42 -9.47 -36.56
N PHE A 8 8.11 -9.30 -36.38
CA PHE A 8 7.41 -9.76 -35.18
C PHE A 8 7.67 -11.22 -34.85
N GLN A 9 7.53 -12.08 -35.86
CA GLN A 9 7.66 -13.52 -35.66
C GLN A 9 9.13 -13.94 -35.60
N GLU A 10 10.03 -12.96 -35.66
CA GLU A 10 11.46 -13.21 -35.58
C GLU A 10 12.09 -12.51 -34.38
N ILE A 11 11.28 -12.09 -33.42
CA ILE A 11 11.78 -11.42 -32.23
C ILE A 11 12.24 -12.44 -31.19
N ARG A 12 13.41 -12.18 -30.65
CA ARG A 12 14.11 -13.07 -29.77
C ARG A 12 13.68 -12.89 -28.34
N PRO A 13 13.36 -14.06 -27.68
CA PRO A 13 12.85 -13.85 -26.32
C PRO A 13 13.78 -13.12 -25.41
N HIS A 14 13.17 -12.18 -24.73
CA HIS A 14 13.76 -11.39 -23.68
C HIS A 14 14.68 -10.27 -24.07
N SER A 15 14.99 -10.15 -25.34
CA SER A 15 15.77 -9.00 -25.73
C SER A 15 14.99 -7.77 -26.05
N GLU A 16 14.46 -7.21 -24.99
CA GLU A 16 13.68 -6.01 -25.01
C GLU A 16 14.48 -4.80 -25.43
N ALA A 17 15.72 -4.79 -25.01
CA ALA A 17 16.59 -3.66 -25.23
C ALA A 17 16.78 -3.38 -26.68
N LEU A 18 16.54 -4.39 -27.48
CA LEU A 18 16.70 -4.29 -28.93
C LEU A 18 15.40 -3.85 -29.61
N VAL A 19 14.28 -4.21 -29.00
CA VAL A 19 12.97 -4.02 -29.63
C VAL A 19 12.03 -3.19 -28.75
N GLY A 20 12.19 -3.31 -27.44
CA GLY A 20 11.34 -2.59 -26.51
C GLY A 20 10.27 -3.50 -25.93
N GLY A 21 9.63 -3.04 -24.86
CA GLY A 21 8.60 -3.82 -24.20
C GLY A 21 7.41 -4.11 -25.10
N LYS A 22 6.90 -3.06 -25.75
CA LYS A 22 5.73 -3.18 -26.61
C LYS A 22 5.99 -4.11 -27.79
N GLY A 23 7.20 -4.03 -28.34
CA GLY A 23 7.57 -4.87 -29.47
C GLY A 23 7.76 -6.32 -29.08
N MET A 24 8.38 -6.55 -27.92
CA MET A 24 8.58 -7.90 -27.41
C MET A 24 7.24 -8.57 -27.13
N ASN A 25 6.26 -7.77 -26.69
CA ASN A 25 4.90 -8.24 -26.49
C ASN A 25 4.28 -8.72 -27.79
N LEU A 26 4.43 -7.90 -28.84
CA LEU A 26 3.93 -8.25 -30.17
C LEU A 26 4.68 -9.44 -30.75
N GLY A 27 5.96 -9.54 -30.40
CA GLY A 27 6.78 -10.65 -30.85
C GLY A 27 6.43 -11.93 -30.12
N ALA A 28 5.68 -11.80 -29.03
CA ALA A 28 5.24 -12.96 -28.26
C ALA A 28 3.82 -13.38 -28.63
N CYS A 29 2.95 -12.39 -28.84
CA CYS A 29 1.57 -12.66 -29.23
C CYS A 29 1.47 -13.21 -30.64
N SER A 30 2.55 -13.02 -31.41
CA SER A 30 2.60 -13.48 -32.79
C SER A 30 2.62 -15.00 -32.88
N ASN A 31 3.31 -15.63 -31.93
CA ASN A 31 3.49 -17.07 -31.94
C ASN A 31 2.33 -17.82 -31.29
N ILE A 32 1.41 -17.07 -30.67
CA ILE A 32 0.25 -17.68 -30.04
C ILE A 32 -0.70 -18.23 -31.09
N GLU A 33 -0.82 -19.55 -31.13
CA GLU A 33 -1.68 -20.22 -32.10
C GLU A 33 -3.15 -19.91 -31.86
N GLY A 34 -3.85 -19.50 -32.91
CA GLY A 34 -5.28 -19.20 -32.82
C GLY A 34 -5.55 -17.75 -32.48
N VAL A 35 -4.51 -16.93 -32.57
CA VAL A 35 -4.64 -15.50 -32.28
C VAL A 35 -4.07 -14.66 -33.43
N HIS A 36 -4.87 -13.72 -33.91
CA HIS A 36 -4.48 -12.89 -35.04
C HIS A 36 -3.85 -11.57 -34.58
N VAL A 37 -2.55 -11.43 -34.80
CA VAL A 37 -1.86 -10.18 -34.54
C VAL A 37 -1.45 -9.54 -35.87
N PRO A 38 -1.92 -8.30 -36.12
CA PRO A 38 -1.62 -7.58 -37.36
C PRO A 38 -0.13 -7.58 -37.69
N ALA A 39 0.21 -8.07 -38.88
CA ALA A 39 1.60 -8.22 -39.31
C ALA A 39 2.39 -6.92 -39.22
N GLY A 40 3.67 -7.03 -38.89
CA GLY A 40 4.52 -5.86 -38.82
C GLY A 40 5.94 -6.20 -38.40
N PHE A 41 6.71 -5.16 -38.07
CA PHE A 41 8.09 -5.33 -37.64
C PHE A 41 8.50 -4.22 -36.69
N CYS A 42 9.73 -4.29 -36.19
CA CYS A 42 10.23 -3.29 -35.26
C CYS A 42 11.57 -2.74 -35.70
N LEU A 43 11.69 -1.40 -35.71
CA LEU A 43 12.96 -0.76 -35.96
C LEU A 43 13.89 -0.96 -34.77
N THR A 44 14.97 -1.70 -34.99
CA THR A 44 15.95 -1.99 -33.95
C THR A 44 16.48 -0.72 -33.30
N THR A 45 16.72 -0.79 -31.98
CA THR A 45 17.28 0.33 -31.24
C THR A 45 18.66 0.73 -31.76
N GLU A 46 19.32 -0.17 -32.47
CA GLU A 46 20.62 0.12 -33.06
C GLU A 46 20.48 0.83 -34.40
N ALA A 47 19.24 1.00 -34.85
CA ALA A 47 18.96 1.83 -36.01
C ALA A 47 18.83 3.28 -35.54
N TYR A 48 18.36 3.44 -34.31
CA TYR A 48 18.30 4.75 -33.66
C TYR A 48 19.71 5.22 -33.29
N LYS A 49 20.65 4.28 -33.21
CA LYS A 49 22.00 4.61 -32.79
C LYS A 49 22.91 5.00 -33.96
N ARG A 50 22.82 4.30 -35.08
CA ARG A 50 23.68 4.62 -36.22
C ARG A 50 23.13 5.82 -36.99
N THR A 51 21.87 6.17 -36.71
CA THR A 51 21.30 7.40 -37.27
C THR A 51 21.89 8.60 -36.52
N LEU A 52 22.68 8.31 -35.50
CA LEU A 52 23.34 9.35 -34.71
C LEU A 52 24.86 9.21 -34.77
N ASN A 56 27.54 12.01 -34.87
CA ASN A 56 28.52 12.75 -34.09
C ASN A 56 27.91 14.00 -33.49
N GLU A 57 27.04 14.70 -34.21
CA GLU A 57 26.46 15.94 -33.68
C GLU A 57 25.54 15.82 -32.48
N PHE A 58 24.76 14.77 -32.51
CA PHE A 58 23.71 14.55 -31.55
C PHE A 58 24.17 14.54 -30.12
N THR A 59 25.39 14.12 -29.89
CA THR A 59 25.88 14.07 -28.54
C THR A 59 26.23 15.47 -28.09
N GLN A 60 25.96 16.49 -28.90
CA GLN A 60 26.37 17.81 -28.44
C GLN A 60 25.62 18.18 -27.18
N LEU A 61 24.43 17.61 -27.03
CA LEU A 61 23.47 18.15 -26.09
C LEU A 61 23.18 17.22 -24.90
N LEU A 62 23.49 15.95 -25.04
CA LEU A 62 23.25 14.98 -23.97
C LEU A 62 24.27 15.10 -22.84
N GLN A 63 25.18 16.06 -23.00
CA GLN A 63 26.21 16.33 -22.02
C GLN A 63 25.80 17.57 -21.24
N ARG A 64 24.93 18.37 -21.87
CA ARG A 64 24.58 19.68 -21.37
C ARG A 64 23.68 19.69 -20.17
N LEU A 65 23.00 18.58 -19.92
CA LEU A 65 22.45 18.38 -18.60
C LEU A 65 22.50 16.90 -18.24
N SER A 66 23.59 16.28 -18.68
CA SER A 66 24.14 15.14 -18.01
C SER A 66 24.80 15.61 -16.71
N GLU A 78 15.20 23.59 -21.16
CA GLU A 78 13.89 23.50 -21.80
C GLU A 78 14.01 23.84 -23.28
N ILE A 79 15.24 24.00 -23.76
CA ILE A 79 15.48 24.20 -25.18
C ILE A 79 15.87 22.87 -25.81
N SER A 80 15.00 21.88 -25.64
CA SER A 80 15.14 20.60 -26.32
C SER A 80 14.47 20.73 -27.68
N GLU A 81 13.91 21.91 -27.93
CA GLU A 81 13.22 22.23 -29.17
C GLU A 81 14.21 22.52 -30.30
N THR A 82 15.49 22.24 -30.04
CA THR A 82 16.52 22.34 -31.06
C THR A 82 17.15 20.96 -31.28
N ILE A 83 17.09 20.14 -30.24
CA ILE A 83 17.64 18.79 -30.29
C ILE A 83 16.57 17.84 -30.80
N ARG A 84 15.32 18.32 -30.79
CA ARG A 84 14.19 17.57 -31.29
C ARG A 84 14.02 17.79 -32.77
N THR A 85 14.30 19.02 -33.20
CA THR A 85 14.21 19.38 -34.61
C THR A 85 15.44 18.86 -35.37
N LEU A 86 16.50 18.57 -34.63
CA LEU A 86 17.70 18.00 -35.22
C LEU A 86 17.44 16.58 -35.72
N ILE A 87 16.86 15.75 -34.84
CA ILE A 87 16.55 14.37 -35.16
C ILE A 87 15.51 14.30 -36.28
N GLN A 88 14.65 15.32 -36.33
CA GLN A 88 13.70 15.45 -37.42
C GLN A 88 14.42 15.73 -38.74
N HIS A 89 15.39 16.64 -38.70
CA HIS A 89 16.12 17.05 -39.88
C HIS A 89 17.23 16.06 -40.24
N THR A 90 17.71 15.32 -39.24
CA THR A 90 18.70 14.27 -39.49
C THR A 90 18.04 13.12 -40.26
N GLN A 91 18.54 12.86 -41.46
CA GLN A 91 17.94 11.85 -42.32
C GLN A 91 18.51 10.46 -42.05
N ILE A 92 17.67 9.45 -42.23
CA ILE A 92 18.06 8.06 -42.01
C ILE A 92 18.93 7.55 -43.16
N PRO A 93 20.07 6.92 -42.82
CA PRO A 93 21.00 6.33 -43.80
C PRO A 93 20.31 5.44 -44.83
N SER A 94 20.89 5.34 -46.01
CA SER A 94 20.27 4.65 -47.13
C SER A 94 20.04 3.17 -46.87
N GLU A 95 20.95 2.53 -46.14
CA GLU A 95 20.83 1.09 -45.89
C GLU A 95 19.76 0.79 -44.86
N ILE A 96 19.69 1.61 -43.81
CA ILE A 96 18.62 1.48 -42.82
C ILE A 96 17.29 1.70 -43.51
N ALA A 97 17.26 2.68 -44.41
CA ALA A 97 16.07 2.96 -45.20
C ALA A 97 15.77 1.81 -46.14
N SER A 98 16.82 1.15 -46.62
CA SER A 98 16.66 0.02 -47.53
C SER A 98 16.10 -1.21 -46.83
N TYR A 99 16.65 -1.53 -45.66
CA TYR A 99 16.13 -2.63 -44.85
C TYR A 99 14.68 -2.38 -44.46
N MET A 100 14.34 -1.10 -44.31
CA MET A 100 12.99 -0.69 -44.01
C MET A 100 12.06 -0.97 -45.20
N ASP A 101 12.56 -0.73 -46.40
CA ASP A 101 11.79 -0.95 -47.62
C ASP A 101 11.43 -2.41 -47.82
N ALA A 102 12.38 -3.30 -47.51
CA ALA A 102 12.21 -4.73 -47.74
C ALA A 102 11.15 -5.35 -46.84
N THR A 103 11.29 -5.13 -45.53
CA THR A 103 10.39 -5.74 -44.56
C THR A 103 9.00 -5.09 -44.59
N LEU A 104 8.94 -3.85 -45.06
CA LEU A 104 7.66 -3.16 -45.19
C LEU A 104 6.92 -3.71 -46.40
N LEU A 105 7.66 -4.10 -47.42
CA LEU A 105 7.06 -4.64 -48.64
C LEU A 105 6.55 -6.06 -48.41
N ASP A 106 7.07 -6.72 -47.38
CA ASP A 106 6.67 -8.08 -47.07
C ASP A 106 5.40 -8.12 -46.23
N VAL A 107 4.99 -6.96 -45.71
CA VAL A 107 3.78 -6.88 -44.89
C VAL A 107 2.71 -6.01 -45.55
N GLY A 108 2.79 -5.87 -46.87
CA GLY A 108 1.79 -5.12 -47.61
C GLY A 108 2.40 -4.08 -48.53
N GLY A 109 3.59 -3.60 -48.17
CA GLY A 109 4.26 -2.57 -48.94
C GLY A 109 3.65 -1.22 -48.71
N TYR A 110 4.19 -0.21 -49.37
CA TYR A 110 3.59 1.11 -49.34
C TYR A 110 2.26 1.06 -50.09
N GLU A 111 1.53 2.19 -50.11
CA GLU A 111 0.17 2.26 -50.63
C GLU A 111 -0.80 1.54 -49.68
N MET A 112 -0.26 1.02 -48.59
CA MET A 112 -1.05 0.41 -47.53
C MET A 112 -0.82 1.16 -46.22
N PRO A 113 -1.85 1.24 -45.37
CA PRO A 113 -1.74 2.00 -44.11
C PRO A 113 -1.06 1.21 -43.00
N PHE A 114 -0.26 1.90 -42.19
CA PHE A 114 0.43 1.27 -41.06
C PHE A 114 0.35 2.15 -39.81
N ALA A 115 0.54 1.54 -38.66
CA ALA A 115 0.59 2.28 -37.40
C ALA A 115 2.03 2.46 -36.95
N VAL A 116 2.39 3.71 -36.64
CA VAL A 116 3.72 4.01 -36.11
C VAL A 116 3.65 4.04 -34.59
N ARG A 117 4.16 2.99 -33.96
CA ARG A 117 4.13 2.89 -32.51
C ARG A 117 5.53 2.79 -31.92
N SER A 118 5.80 3.58 -30.89
CA SER A 118 7.10 3.57 -30.24
C SER A 118 7.10 2.62 -29.05
N SER A 119 8.24 1.96 -28.81
CA SER A 119 8.38 1.06 -27.68
C SER A 119 9.61 1.41 -26.85
N ALA A 120 9.38 1.82 -25.61
CA ALA A 120 10.47 2.20 -24.71
C ALA A 120 11.21 0.97 -24.21
N ALA A 131 8.66 2.06 -18.38
CA ALA A 131 7.31 2.58 -18.34
C ALA A 131 7.24 3.98 -18.97
N GLY A 132 6.09 4.62 -18.84
CA GLY A 132 5.89 5.94 -19.41
C GLY A 132 5.11 5.88 -20.71
N GLN A 133 5.21 6.95 -21.49
CA GLN A 133 4.50 7.04 -22.75
C GLN A 133 5.21 7.93 -23.76
N HIS A 134 5.15 7.55 -25.03
CA HIS A 134 5.68 8.38 -26.11
C HIS A 134 4.66 8.50 -27.23
N ASP A 135 5.08 9.01 -28.38
CA ASP A 135 4.15 9.27 -29.47
C ASP A 135 3.87 8.04 -30.32
N THR A 136 2.59 7.85 -30.65
CA THR A 136 2.17 6.78 -31.54
C THR A 136 1.24 7.36 -32.61
N TYR A 137 1.46 6.99 -33.86
CA TYR A 137 0.71 7.58 -34.97
C TYR A 137 -0.05 6.54 -35.78
N LEU A 138 -1.36 6.75 -35.90
CA LEU A 138 -2.24 5.80 -36.58
C LEU A 138 -2.51 6.19 -38.02
N ASN A 139 -2.60 5.18 -38.89
CA ASN A 139 -3.02 5.35 -40.27
C ASN A 139 -2.12 6.29 -41.07
N ILE A 140 -0.87 5.88 -41.28
CA ILE A 140 0.05 6.66 -42.10
C ILE A 140 0.39 5.90 -43.39
N ILE A 141 0.27 6.59 -44.52
CA ILE A 141 0.51 5.98 -45.82
C ILE A 141 1.63 6.69 -46.58
N GLY A 142 2.50 5.91 -47.22
CA GLY A 142 3.58 6.46 -48.01
C GLY A 142 4.93 6.37 -47.33
N LYS A 143 5.99 6.34 -48.13
CA LYS A 143 7.34 6.20 -47.60
C LYS A 143 7.82 7.47 -46.89
N ASP A 144 7.56 8.61 -47.50
CA ASP A 144 7.96 9.90 -46.93
C ASP A 144 7.24 10.16 -45.61
N ALA A 145 5.94 9.85 -45.58
CA ALA A 145 5.13 10.09 -44.39
C ALA A 145 5.58 9.23 -43.22
N LEU A 146 5.97 7.98 -43.50
CA LEU A 146 6.38 7.06 -42.45
C LEU A 146 7.76 7.41 -41.92
N LEU A 147 8.67 7.80 -42.82
CA LEU A 147 10.02 8.22 -42.43
C LEU A 147 9.97 9.44 -41.51
N GLN A 148 8.99 10.31 -41.74
CA GLN A 148 8.83 11.51 -40.94
C GLN A 148 8.34 11.16 -39.55
N HIS A 149 7.39 10.22 -39.47
CA HIS A 149 6.80 9.83 -38.21
C HIS A 149 7.73 8.99 -37.35
N ILE A 150 8.63 8.26 -37.98
CA ILE A 150 9.67 7.53 -37.26
C ILE A 150 10.59 8.52 -36.56
N SER A 151 10.92 9.61 -37.26
CA SER A 151 11.74 10.67 -36.70
C SER A 151 11.00 11.46 -35.63
N MET A 152 9.68 11.55 -35.77
CA MET A 152 8.84 12.22 -34.78
C MET A 152 8.74 11.38 -33.51
N CYS A 153 8.85 10.07 -33.67
CA CYS A 153 8.84 9.17 -32.51
C CYS A 153 10.17 9.27 -31.77
N TRP A 154 11.26 9.48 -32.50
CA TRP A 154 12.55 9.75 -31.87
C TRP A 154 12.48 11.10 -31.15
N ALA A 155 11.69 12.00 -31.72
CA ALA A 155 11.52 13.34 -31.16
C ALA A 155 10.71 13.30 -29.86
N SER A 156 9.83 12.31 -29.73
CA SER A 156 9.00 12.16 -28.53
C SER A 156 9.85 11.93 -27.27
N LEU A 157 11.14 11.65 -27.47
CA LEU A 157 12.07 11.44 -26.37
C LEU A 157 12.54 12.74 -25.74
N PHE A 158 12.17 13.88 -26.31
CA PHE A 158 12.70 15.14 -25.82
C PHE A 158 11.68 16.26 -25.74
N THR A 159 10.40 15.92 -25.68
CA THR A 159 9.40 16.88 -25.25
C THR A 159 9.54 16.96 -23.74
N GLU A 160 9.16 18.10 -23.17
CA GLU A 160 9.39 18.33 -21.74
C GLU A 160 8.54 17.43 -20.84
N ARG A 161 7.78 16.50 -21.41
CA ARG A 161 7.23 15.47 -20.55
C ARG A 161 8.27 14.36 -20.38
N ALA A 162 8.65 13.69 -21.47
CA ALA A 162 9.58 12.57 -21.41
C ALA A 162 10.87 12.82 -20.60
N ILE A 163 11.15 14.09 -20.29
CA ILE A 163 12.44 14.48 -19.74
C ILE A 163 12.71 14.13 -18.27
N ILE A 164 11.79 14.48 -17.37
CA ILE A 164 12.03 14.34 -15.94
C ILE A 164 11.89 12.88 -15.53
N ARG A 174 19.77 11.03 -18.83
CA ARG A 174 20.53 9.84 -19.18
C ARG A 174 20.54 9.60 -20.68
N LYS A 175 20.72 8.35 -21.07
CA LYS A 175 20.67 7.95 -22.47
C LYS A 175 20.04 6.57 -22.58
N VAL A 176 18.91 6.50 -23.28
CA VAL A 176 18.21 5.24 -23.51
C VAL A 176 17.91 5.07 -24.99
N GLN A 177 17.62 3.85 -25.39
CA GLN A 177 17.39 3.56 -26.81
C GLN A 177 15.92 3.25 -27.08
N LEU A 178 15.32 4.00 -28.00
CA LEU A 178 13.92 3.81 -28.34
C LEU A 178 13.78 2.98 -29.61
N ALA A 179 12.65 2.30 -29.76
CA ALA A 179 12.37 1.51 -30.95
C ALA A 179 10.98 1.81 -31.49
N VAL A 180 10.77 1.51 -32.77
CA VAL A 180 9.50 1.84 -33.42
C VAL A 180 8.81 0.62 -34.02
N VAL A 181 7.54 0.44 -33.66
CA VAL A 181 6.72 -0.64 -34.20
C VAL A 181 5.97 -0.17 -35.45
N ILE A 182 6.10 -0.92 -36.53
CA ILE A 182 5.39 -0.63 -37.77
C ILE A 182 4.54 -1.83 -38.19
N GLN A 183 3.25 -1.79 -37.90
CA GLN A 183 2.37 -2.91 -38.25
C GLN A 183 1.15 -2.47 -39.05
N GLN A 184 0.47 -3.45 -39.65
CA GLN A 184 -0.69 -3.19 -40.49
C GLN A 184 -1.80 -2.46 -39.74
N MET A 185 -2.23 -1.34 -40.32
CA MET A 185 -3.27 -0.50 -39.71
C MET A 185 -4.66 -1.12 -39.87
N ILE A 186 -5.30 -1.42 -38.76
CA ILE A 186 -6.65 -1.98 -38.77
C ILE A 186 -7.68 -0.86 -38.74
N SER A 187 -8.78 -1.06 -39.46
CA SER A 187 -9.89 -0.10 -39.45
C SER A 187 -11.15 -0.75 -38.89
N PRO A 188 -11.22 -0.88 -37.56
CA PRO A 188 -12.28 -1.65 -36.89
C PRO A 188 -13.59 -0.88 -36.70
N GLU A 189 -14.67 -1.62 -36.52
CA GLU A 189 -15.95 -1.05 -36.15
C GLU A 189 -15.92 -0.69 -34.67
N ALA A 190 -15.24 -1.55 -33.91
CA ALA A 190 -15.15 -1.40 -32.47
C ALA A 190 -13.73 -1.69 -31.98
N SER A 191 -13.38 -1.12 -30.83
CA SER A 191 -12.08 -1.33 -30.23
C SER A 191 -12.15 -1.10 -28.73
N GLY A 192 -11.04 -1.36 -28.03
CA GLY A 192 -11.00 -1.12 -26.61
C GLY A 192 -10.00 -1.96 -25.85
N ILE A 193 -10.18 -2.05 -24.53
CA ILE A 193 -9.25 -2.73 -23.66
C ILE A 193 -9.88 -3.97 -23.02
N LEU A 194 -9.04 -4.88 -22.56
CA LEU A 194 -9.50 -6.13 -21.96
C LEU A 194 -8.64 -6.52 -20.76
N PHE A 195 -9.29 -6.74 -19.62
CA PHE A 195 -8.59 -7.17 -18.41
C PHE A 195 -9.01 -8.58 -18.00
N THR A 196 -8.05 -9.48 -17.90
CA THR A 196 -8.34 -10.87 -17.53
C THR A 196 -8.55 -11.03 -16.03
N ALA A 197 -8.53 -9.91 -15.32
CA ALA A 197 -8.84 -9.88 -13.89
C ALA A 197 -9.46 -8.52 -13.54
N ASP A 198 -10.56 -8.55 -12.80
CA ASP A 198 -11.29 -7.33 -12.43
C ASP A 198 -10.34 -6.34 -11.77
N PRO A 199 -10.15 -5.16 -12.40
CA PRO A 199 -9.23 -4.12 -11.93
C PRO A 199 -9.47 -3.70 -10.49
N ILE A 200 -10.73 -3.76 -10.04
CA ILE A 200 -11.08 -3.31 -8.71
C ILE A 200 -11.06 -4.45 -7.68
N THR A 201 -11.87 -5.47 -7.91
CA THR A 201 -12.00 -6.58 -6.96
C THR A 201 -10.78 -7.51 -6.99
N SER A 202 -9.99 -7.41 -8.05
CA SER A 202 -8.80 -8.25 -8.25
C SER A 202 -9.14 -9.74 -8.37
N ASN A 203 -10.40 -10.04 -8.66
CA ASN A 203 -10.83 -11.43 -8.87
C ASN A 203 -10.33 -11.96 -10.21
N ARG A 204 -9.53 -13.01 -10.15
CA ARG A 204 -8.87 -13.53 -11.35
C ARG A 204 -9.79 -14.39 -12.20
N LYS A 205 -10.96 -14.74 -11.66
CA LYS A 205 -11.94 -15.49 -12.42
C LYS A 205 -12.99 -14.54 -13.00
N SER A 206 -12.72 -13.24 -12.89
CA SER A 206 -13.57 -12.22 -13.47
C SER A 206 -12.83 -11.55 -14.62
N LEU A 207 -13.58 -11.08 -15.62
CA LEU A 207 -12.98 -10.53 -16.82
C LEU A 207 -13.68 -9.25 -17.25
N SER A 208 -12.94 -8.15 -17.30
CA SER A 208 -13.51 -6.85 -17.65
C SER A 208 -13.19 -6.47 -19.09
N ILE A 209 -14.18 -5.88 -19.76
CA ILE A 209 -14.01 -5.42 -21.13
C ILE A 209 -14.48 -3.98 -21.29
N ASP A 210 -13.61 -3.12 -21.78
CA ASP A 210 -14.00 -1.77 -22.15
C ASP A 210 -14.10 -1.68 -23.67
N ALA A 211 -15.33 -1.59 -24.18
CA ALA A 211 -15.54 -1.62 -25.62
C ALA A 211 -16.13 -0.31 -26.13
N SER A 212 -15.52 0.22 -27.20
CA SER A 212 -15.97 1.46 -27.81
C SER A 212 -15.91 1.35 -29.33
N PHE A 213 -16.68 2.19 -30.02
CA PHE A 213 -16.68 2.21 -31.47
C PHE A 213 -15.50 2.99 -32.03
N GLY A 214 -15.02 2.56 -33.20
CA GLY A 214 -13.92 3.24 -33.86
C GLY A 214 -12.56 2.85 -33.35
N LEU A 215 -11.58 3.72 -33.57
CA LEU A 215 -10.19 3.46 -33.20
C LEU A 215 -9.92 3.73 -31.73
N GLY A 216 -8.74 3.34 -31.28
CA GLY A 216 -8.28 3.66 -29.95
C GLY A 216 -7.59 5.01 -29.94
N GLU A 217 -7.20 5.47 -28.75
CA GLU A 217 -6.52 6.75 -28.63
C GLU A 217 -5.09 6.58 -28.11
N ALA A 218 -4.15 7.30 -28.72
CA ALA A 218 -2.78 7.34 -28.21
C ALA A 218 -2.72 8.21 -26.96
N LEU A 219 -3.39 9.36 -27.04
CA LEU A 219 -3.56 10.22 -25.87
C LEU A 219 -5.02 10.19 -25.45
N VAL A 220 -5.35 9.29 -24.52
CA VAL A 220 -6.73 9.08 -24.11
C VAL A 220 -7.36 10.33 -23.52
N SER A 221 -8.44 10.78 -24.16
CA SER A 221 -9.24 11.88 -23.65
C SER A 221 -10.65 11.39 -23.37
N GLY A 222 -11.25 11.87 -22.29
CA GLY A 222 -12.59 11.44 -21.90
C GLY A 222 -13.68 11.90 -22.85
N LEU A 223 -13.43 11.76 -24.15
CA LEU A 223 -14.40 12.16 -25.16
C LEU A 223 -14.89 10.95 -25.96
N VAL A 224 -14.11 9.87 -25.90
CA VAL A 224 -14.52 8.62 -26.53
C VAL A 224 -14.88 7.61 -25.44
N SER A 225 -16.11 7.68 -24.96
CA SER A 225 -16.56 6.81 -23.89
C SER A 225 -16.71 5.38 -24.38
N ALA A 226 -16.92 4.45 -23.44
CA ALA A 226 -16.98 3.04 -23.79
C ALA A 226 -17.90 2.25 -22.87
N ASP A 227 -18.37 1.10 -23.35
CA ASP A 227 -19.17 0.21 -22.53
C ASP A 227 -18.28 -0.58 -21.59
N SER A 228 -18.88 -1.20 -20.57
CA SER A 228 -18.13 -2.01 -19.63
C SER A 228 -18.84 -3.35 -19.40
N TYR A 229 -18.23 -4.43 -19.86
CA TYR A 229 -18.80 -5.75 -19.68
C TYR A 229 -17.98 -6.55 -18.67
N THR A 230 -18.66 -7.42 -17.92
CA THR A 230 -17.98 -8.29 -16.95
C THR A 230 -18.40 -9.73 -17.18
N VAL A 231 -17.41 -10.61 -17.34
CA VAL A 231 -17.66 -12.02 -17.57
C VAL A 231 -16.91 -12.89 -16.56
N ARG A 232 -17.62 -13.83 -15.94
CA ARG A 232 -16.95 -14.79 -15.06
C ARG A 232 -16.42 -15.96 -15.88
N GLU A 233 -17.31 -16.78 -16.41
CA GLU A 233 -16.94 -17.78 -17.41
C GLU A 233 -18.12 -18.18 -18.29
N ASN A 234 -18.10 -17.67 -19.53
CA ASN A 234 -19.09 -17.96 -20.55
C ASN A 234 -20.49 -17.41 -20.24
N THR A 235 -20.60 -16.63 -19.17
CA THR A 235 -21.85 -15.94 -18.86
C THR A 235 -21.58 -14.47 -18.55
N ILE A 236 -22.44 -13.59 -19.05
CA ILE A 236 -22.30 -12.16 -18.82
C ILE A 236 -22.93 -11.77 -17.49
N THR A 237 -22.11 -11.21 -16.60
CA THR A 237 -22.54 -10.92 -15.24
C THR A 237 -22.89 -9.45 -15.05
N ASN A 238 -22.40 -8.61 -15.95
CA ASN A 238 -22.65 -7.18 -15.88
C ASN A 238 -22.43 -6.48 -17.21
N LYS A 239 -23.33 -5.55 -17.53
CA LYS A 239 -23.19 -4.74 -18.73
C LYS A 239 -23.53 -3.28 -18.41
N ILE A 240 -22.60 -2.39 -18.76
CA ILE A 240 -22.82 -0.97 -18.59
C ILE A 240 -22.71 -0.25 -19.94
N ILE A 241 -23.86 0.17 -20.46
CA ILE A 241 -23.88 0.86 -21.75
C ILE A 241 -23.66 2.36 -21.55
N ALA A 242 -22.93 2.97 -22.46
CA ALA A 242 -22.56 4.37 -22.34
C ALA A 242 -23.05 5.21 -23.52
N THR A 243 -23.26 6.50 -23.27
CA THR A 243 -23.62 7.44 -24.31
C THR A 243 -22.39 7.79 -25.14
N LYS A 244 -22.12 6.99 -26.17
CA LYS A 244 -20.96 7.22 -27.02
C LYS A 244 -21.32 8.08 -28.22
N LYS A 245 -21.07 9.38 -28.07
CA LYS A 245 -21.44 10.35 -29.10
C LYS A 245 -20.36 10.49 -30.16
N LEU A 246 -19.12 10.17 -29.78
CA LEU A 246 -17.98 10.37 -30.67
C LEU A 246 -17.26 9.06 -30.98
N ALA A 247 -16.67 8.98 -32.17
CA ALA A 247 -15.90 7.81 -32.56
C ALA A 247 -14.83 8.19 -33.58
N ILE A 248 -13.67 7.56 -33.47
CA ILE A 248 -12.54 7.86 -34.34
C ILE A 248 -12.43 6.86 -35.48
N TYR A 249 -12.44 7.38 -36.71
CA TYR A 249 -12.33 6.53 -37.89
C TYR A 249 -11.13 6.93 -38.75
N SER A 250 -10.39 5.93 -39.21
CA SER A 250 -9.24 6.20 -40.06
C SER A 250 -9.67 6.60 -41.46
N LEU A 251 -9.78 7.90 -41.68
CA LEU A 251 -10.07 8.45 -42.99
C LEU A 251 -8.95 8.01 -43.93
N LYS A 252 -9.16 8.10 -45.24
CA LYS A 252 -8.21 7.65 -46.26
C LYS A 252 -6.73 7.82 -45.86
N GLU A 253 -6.40 8.97 -45.27
CA GLU A 253 -5.13 9.15 -44.56
C GLU A 253 -5.34 9.99 -43.31
N GLY A 254 -4.76 9.57 -42.20
CA GLY A 254 -4.97 10.25 -40.93
C GLY A 254 -6.19 9.68 -40.24
N GLY A 255 -6.66 10.36 -39.19
CA GLY A 255 -7.79 9.86 -38.42
C GLY A 255 -8.80 10.94 -38.02
N THR A 256 -9.87 11.05 -38.79
CA THR A 256 -10.95 11.98 -38.47
C THR A 256 -11.81 11.44 -37.34
N GLU A 257 -12.56 12.33 -36.69
CA GLU A 257 -13.47 11.91 -35.63
C GLU A 257 -14.90 12.32 -35.98
N THR A 258 -15.66 11.39 -36.52
CA THR A 258 -17.03 11.67 -36.97
C THR A 258 -18.01 11.63 -35.81
N ARG A 259 -19.28 11.83 -36.13
CA ARG A 259 -20.34 11.74 -35.14
C ARG A 259 -21.30 10.61 -35.47
N ILE A 260 -21.79 9.94 -34.44
CA ILE A 260 -22.70 8.83 -34.62
C ILE A 260 -24.12 9.29 -34.34
N LEU A 261 -25.10 8.66 -34.98
CA LEU A 261 -26.51 9.04 -34.81
C LEU A 261 -26.99 8.76 -33.38
N GLU A 262 -27.82 9.66 -32.85
CA GLU A 262 -28.23 9.67 -31.43
C GLU A 262 -28.49 8.29 -30.82
N LYS A 263 -29.30 7.48 -31.48
CA LYS A 263 -29.46 6.11 -31.05
C LYS A 263 -28.71 5.21 -32.01
N SER A 264 -27.39 5.33 -31.88
CA SER A 264 -26.42 4.41 -32.40
C SER A 264 -25.40 4.36 -31.28
N GLN A 265 -25.57 5.33 -30.39
CA GLN A 265 -24.84 5.45 -29.13
C GLN A 265 -25.44 4.52 -28.08
N GLN A 266 -26.66 4.86 -27.67
CA GLN A 266 -27.40 4.16 -26.63
C GLN A 266 -27.77 2.73 -27.00
N THR A 267 -28.61 2.62 -28.02
CA THR A 267 -29.26 1.37 -28.41
C THR A 267 -28.29 0.26 -28.79
N LYS A 268 -27.09 0.62 -29.19
CA LYS A 268 -26.16 -0.37 -29.69
C LYS A 268 -25.06 -0.71 -28.71
N GLN A 269 -25.07 -1.96 -28.27
CA GLN A 269 -23.93 -2.50 -27.55
C GLN A 269 -22.76 -2.53 -28.50
N THR A 270 -21.59 -2.11 -28.02
CA THR A 270 -20.39 -2.09 -28.83
C THR A 270 -20.09 -3.48 -29.37
N LEU A 271 -20.27 -4.48 -28.51
CA LEU A 271 -20.14 -5.88 -28.91
C LEU A 271 -21.43 -6.62 -28.60
N THR A 272 -21.81 -7.55 -29.47
CA THR A 272 -22.98 -8.38 -29.22
C THR A 272 -22.69 -9.33 -28.06
N ASP A 273 -23.74 -9.94 -27.51
CA ASP A 273 -23.58 -10.83 -26.37
C ASP A 273 -22.63 -11.99 -26.67
N GLN A 274 -22.58 -12.41 -27.93
CA GLN A 274 -21.69 -13.50 -28.32
C GLN A 274 -20.27 -13.00 -28.57
N GLN A 275 -20.16 -11.78 -29.08
CA GLN A 275 -18.85 -11.18 -29.33
C GLN A 275 -18.08 -10.93 -28.03
N ILE A 276 -18.81 -10.64 -26.97
CA ILE A 276 -18.22 -10.45 -25.66
C ILE A 276 -17.64 -11.77 -25.13
N ILE A 277 -18.42 -12.84 -25.26
CA ILE A 277 -17.99 -14.16 -24.84
C ILE A 277 -16.83 -14.67 -25.67
N GLN A 278 -16.89 -14.44 -26.98
CA GLN A 278 -15.82 -14.84 -27.89
C GLN A 278 -14.53 -14.12 -27.53
N LEU A 279 -14.63 -12.82 -27.23
CA LEU A 279 -13.48 -12.01 -26.85
C LEU A 279 -12.91 -12.46 -25.51
N ALA A 280 -13.80 -12.89 -24.62
CA ALA A 280 -13.40 -13.35 -23.30
C ALA A 280 -12.53 -14.60 -23.39
N LYS A 281 -13.00 -15.57 -24.18
CA LYS A 281 -12.26 -16.81 -24.41
C LYS A 281 -10.93 -16.51 -25.09
N LEU A 282 -10.94 -15.52 -25.97
CA LEU A 282 -9.74 -15.09 -26.68
C LEU A 282 -8.74 -14.48 -25.70
N GLY A 283 -9.25 -13.85 -24.65
CA GLY A 283 -8.42 -13.20 -23.67
C GLY A 283 -7.70 -14.17 -22.74
N ARG A 284 -8.41 -15.21 -22.31
CA ARG A 284 -7.85 -16.16 -21.36
C ARG A 284 -6.98 -17.22 -22.04
N LYS A 285 -6.93 -17.17 -23.37
CA LYS A 285 -6.03 -18.03 -24.11
C LYS A 285 -4.65 -17.37 -24.16
N ILE A 286 -4.66 -16.04 -24.04
CA ILE A 286 -3.43 -15.26 -23.98
C ILE A 286 -2.90 -15.26 -22.54
N GLU A 287 -3.82 -15.21 -21.58
CA GLU A 287 -3.47 -15.27 -20.17
C GLU A 287 -2.81 -16.59 -19.83
N ALA A 288 -3.34 -17.68 -20.38
CA ALA A 288 -2.80 -19.01 -20.15
C ALA A 288 -1.42 -19.14 -20.78
N TYR A 289 -1.19 -18.43 -21.87
CA TYR A 289 0.09 -18.47 -22.57
C TYR A 289 1.17 -17.79 -21.76
N PHE A 290 0.89 -16.58 -21.28
CA PHE A 290 1.86 -15.80 -20.52
C PHE A 290 1.96 -16.27 -19.06
N GLY A 291 0.92 -16.96 -18.60
CA GLY A 291 0.90 -17.46 -17.24
C GLY A 291 0.46 -16.42 -16.22
N LYS A 292 0.40 -15.17 -16.67
CA LYS A 292 -0.02 -14.06 -15.81
C LYS A 292 -1.27 -13.39 -16.36
N PRO A 293 -2.08 -12.79 -15.47
CA PRO A 293 -3.22 -11.97 -15.91
C PRO A 293 -2.77 -10.81 -16.79
N GLN A 294 -3.38 -10.68 -17.96
CA GLN A 294 -2.89 -9.73 -18.97
C GLN A 294 -3.80 -8.53 -19.17
N ASP A 295 -3.19 -7.43 -19.59
CA ASP A 295 -3.91 -6.26 -20.07
C ASP A 295 -3.82 -6.26 -21.60
N ILE A 296 -4.94 -6.53 -22.26
CA ILE A 296 -4.92 -6.75 -23.70
C ILE A 296 -5.72 -5.69 -24.47
N GLU A 297 -5.09 -5.08 -25.47
CA GLU A 297 -5.74 -4.13 -26.36
C GLU A 297 -6.21 -4.83 -27.63
N TRP A 298 -7.48 -4.64 -27.98
CA TRP A 298 -8.07 -5.36 -29.11
C TRP A 298 -8.79 -4.46 -30.11
N CYS A 299 -8.97 -4.96 -31.33
CA CYS A 299 -9.74 -4.27 -32.36
C CYS A 299 -10.66 -5.25 -33.07
N LEU A 300 -11.83 -4.78 -33.50
CA LEU A 300 -12.82 -5.64 -34.13
C LEU A 300 -13.19 -5.17 -35.53
N ALA A 301 -12.70 -5.88 -36.54
CA ALA A 301 -12.97 -5.51 -37.92
C ALA A 301 -13.67 -6.64 -38.68
N GLU A 302 -14.85 -6.33 -39.22
CA GLU A 302 -15.62 -7.27 -40.02
C GLU A 302 -15.85 -8.61 -39.31
N GLY A 303 -16.18 -8.54 -38.03
CA GLY A 303 -16.51 -9.73 -37.25
C GLY A 303 -15.31 -10.43 -36.66
N ALA A 304 -14.10 -10.01 -37.06
CA ALA A 304 -12.88 -10.64 -36.59
C ALA A 304 -12.16 -9.77 -35.58
N PHE A 305 -11.50 -10.41 -34.61
CA PHE A 305 -10.75 -9.69 -33.59
C PHE A 305 -9.25 -9.68 -33.90
N TYR A 306 -8.59 -8.58 -33.54
CA TYR A 306 -7.16 -8.45 -33.73
C TYR A 306 -6.51 -7.94 -32.45
N ILE A 307 -5.33 -8.46 -32.13
CA ILE A 307 -4.64 -8.06 -30.92
C ILE A 307 -3.44 -7.16 -31.26
N VAL A 308 -3.43 -5.97 -30.67
CA VAL A 308 -2.40 -4.99 -30.97
C VAL A 308 -1.44 -4.72 -29.81
N GLN A 309 -1.79 -5.22 -28.62
CA GLN A 309 -0.93 -5.09 -27.45
C GLN A 309 -1.41 -5.98 -26.30
N SER A 310 -0.45 -6.46 -25.51
CA SER A 310 -0.75 -7.27 -24.34
C SER A 310 0.31 -7.06 -23.26
N ARG A 311 -0.13 -6.67 -22.07
CA ARG A 311 0.79 -6.42 -20.95
C ARG A 311 0.34 -7.14 -19.69
N PRO A 312 1.30 -7.61 -18.88
CA PRO A 312 0.98 -8.21 -17.58
C PRO A 312 0.44 -7.16 -16.59
N ILE A 313 -0.59 -7.53 -15.85
CA ILE A 313 -1.16 -6.64 -14.84
C ILE A 313 -0.30 -6.68 -13.58
N THR A 314 0.14 -5.50 -13.12
CA THR A 314 1.05 -5.41 -11.99
C THR A 314 0.43 -4.75 -10.75
N THR A 315 -0.89 -4.55 -10.79
CA THR A 315 -1.57 -3.86 -9.69
C THR A 315 -2.43 -4.79 -8.84
N LEU A 316 -2.31 -6.09 -9.07
CA LEU A 316 -3.13 -7.06 -8.36
C LEU A 316 -2.56 -7.42 -7.00
N TYR A 317 -3.43 -7.77 -6.06
CA TYR A 317 -3.00 -8.25 -4.76
C TYR A 317 -2.67 -9.74 -4.87
N PRO A 318 -1.46 -10.12 -4.44
CA PRO A 318 -0.95 -11.50 -4.58
C PRO A 318 -1.76 -12.54 -3.81
N ILE A 319 -1.53 -13.81 -4.14
CA ILE A 319 -2.24 -14.93 -3.53
C ILE A 319 -1.37 -15.65 -2.51
N PRO A 320 -1.93 -15.91 -1.32
CA PRO A 320 -1.25 -16.70 -0.29
C PRO A 320 -0.88 -18.09 -0.79
N GLU A 321 0.40 -18.46 -0.68
CA GLU A 321 0.88 -19.76 -1.13
C GLU A 321 0.43 -20.87 -0.19
N VAL A 322 -0.64 -21.56 -0.55
CA VAL A 322 -1.23 -22.62 0.27
C VAL A 322 -1.35 -23.92 -0.55
N ASN A 323 -1.30 -25.06 0.13
CA ASN A 323 -1.12 -26.34 -0.55
C ASN A 323 -2.39 -27.13 -0.90
N GLU A 324 -3.34 -27.27 0.04
CA GLU A 324 -4.55 -28.03 -0.28
C GLU A 324 -5.51 -27.16 -1.11
N PRO A 325 -6.08 -27.76 -2.19
CA PRO A 325 -6.53 -27.06 -3.40
C PRO A 325 -7.85 -26.28 -3.34
N GLY A 326 -8.74 -26.59 -2.40
CA GLY A 326 -10.08 -26.00 -2.40
C GLY A 326 -10.15 -24.48 -2.38
N ASN A 327 -11.34 -23.94 -2.62
CA ASN A 327 -11.59 -22.51 -2.46
C ASN A 327 -11.32 -22.08 -1.02
N ARG A 328 -10.55 -21.01 -0.87
CA ARG A 328 -10.10 -20.60 0.46
C ARG A 328 -10.51 -19.17 0.80
N VAL A 329 -10.82 -18.95 2.07
CA VAL A 329 -11.12 -17.61 2.56
C VAL A 329 -10.12 -17.21 3.64
N TYR A 330 -9.45 -16.09 3.42
CA TYR A 330 -8.48 -15.59 4.40
C TYR A 330 -8.97 -14.29 5.03
N ILE A 331 -8.66 -14.10 6.31
CA ILE A 331 -8.99 -12.86 6.99
C ILE A 331 -7.72 -12.09 7.34
N SER A 332 -7.80 -10.76 7.25
CA SER A 332 -6.62 -9.91 7.44
C SER A 332 -6.23 -9.75 8.90
N VAL A 333 -5.05 -10.24 9.25
CA VAL A 333 -4.48 -10.02 10.57
C VAL A 333 -4.19 -8.52 10.74
N ALA A 334 -3.87 -7.88 9.63
CA ALA A 334 -3.57 -6.45 9.60
C ALA A 334 -4.74 -5.61 10.14
N HIS A 335 -5.95 -5.95 9.73
CA HIS A 335 -7.14 -5.22 10.16
C HIS A 335 -7.47 -5.52 11.62
N GLN A 336 -7.13 -6.72 12.07
CA GLN A 336 -7.36 -7.10 13.46
C GLN A 336 -6.37 -6.38 14.37
N GLN A 337 -5.18 -6.13 13.84
CA GLN A 337 -4.13 -5.49 14.63
C GLN A 337 -4.01 -4.00 14.34
N MET A 338 -4.92 -3.48 13.50
CA MET A 338 -4.99 -2.05 13.19
C MET A 338 -3.66 -1.55 12.60
N MET A 339 -3.03 -2.40 11.80
CA MET A 339 -1.75 -2.08 11.17
C MET A 339 -1.72 -2.59 9.74
N THR A 340 -1.96 -1.70 8.78
CA THR A 340 -2.17 -2.10 7.40
C THR A 340 -0.94 -1.97 6.52
N ASP A 341 0.11 -1.33 7.03
CA ASP A 341 1.32 -1.14 6.25
C ASP A 341 1.99 -2.47 5.91
N ALA A 342 2.74 -2.49 4.81
CA ALA A 342 3.43 -3.71 4.40
C ALA A 342 4.62 -4.00 5.31
N MET A 343 4.92 -5.28 5.48
CA MET A 343 6.02 -5.70 6.35
C MET A 343 7.12 -6.40 5.56
N LYS A 344 8.35 -6.22 6.00
CA LYS A 344 9.50 -6.89 5.40
C LYS A 344 9.53 -8.35 5.86
N PRO A 345 10.17 -9.23 5.08
CA PRO A 345 10.24 -10.66 5.39
C PRO A 345 10.63 -10.97 6.84
N LEU A 346 11.73 -10.39 7.33
CA LEU A 346 12.19 -10.66 8.69
C LEU A 346 11.15 -10.22 9.71
N GLY A 347 10.45 -9.13 9.42
CA GLY A 347 9.39 -8.64 10.26
C GLY A 347 8.20 -9.60 10.29
N LEU A 348 7.83 -10.10 9.11
CA LEU A 348 6.75 -11.08 9.00
C LEU A 348 7.07 -12.34 9.80
N SER A 349 8.33 -12.77 9.74
CA SER A 349 8.76 -13.97 10.44
C SER A 349 8.53 -13.88 11.94
N PHE A 350 8.92 -12.75 12.54
CA PHE A 350 8.88 -12.62 13.99
C PHE A 350 7.46 -12.53 14.53
N TYR A 351 6.52 -12.10 13.70
CA TYR A 351 5.12 -12.10 14.10
C TYR A 351 4.57 -13.53 14.01
N LEU A 352 5.02 -14.27 13.00
CA LEU A 352 4.64 -15.66 12.81
C LEU A 352 5.11 -16.52 13.97
N MET A 353 6.32 -16.26 14.45
CA MET A 353 6.89 -17.03 15.54
C MET A 353 6.30 -16.62 16.88
N THR A 354 5.65 -15.46 16.91
CA THR A 354 5.04 -14.93 18.13
C THR A 354 3.61 -15.47 18.29
N THR A 355 2.95 -15.72 17.17
CA THR A 355 1.56 -16.17 17.18
C THR A 355 1.42 -17.68 17.04
N PRO A 356 0.71 -18.31 17.99
CA PRO A 356 0.46 -19.76 17.97
C PRO A 356 -0.39 -20.20 16.79
N ALA A 357 -1.32 -19.36 16.37
CA ALA A 357 -2.18 -19.67 15.22
C ALA A 357 -1.39 -19.68 13.92
N THR A 358 -1.70 -20.64 13.06
CA THR A 358 -1.03 -20.74 11.76
C THR A 358 -1.52 -19.63 10.83
N MET A 359 -0.58 -18.90 10.24
CA MET A 359 -0.91 -17.81 9.35
C MET A 359 -0.26 -17.97 7.97
N TYR A 360 -0.61 -17.07 7.05
CA TYR A 360 -0.01 -17.06 5.73
C TYR A 360 0.30 -15.63 5.32
N THR A 361 1.28 -15.47 4.45
CA THR A 361 1.72 -14.14 4.02
C THR A 361 1.31 -13.84 2.58
N ALA A 362 0.95 -12.58 2.34
CA ALA A 362 0.59 -12.13 1.00
C ALA A 362 0.67 -10.61 0.90
N GLY A 363 1.60 -10.13 0.09
CA GLY A 363 1.76 -8.70 -0.13
C GLY A 363 2.31 -7.95 1.07
N GLY A 364 3.06 -8.67 1.92
CA GLY A 364 3.66 -8.06 3.09
C GLY A 364 2.70 -7.98 4.27
N ARG A 365 1.56 -8.63 4.15
CA ARG A 365 0.58 -8.69 5.22
C ARG A 365 0.28 -10.15 5.56
N LEU A 366 -0.18 -10.39 6.78
CA LEU A 366 -0.45 -11.76 7.23
C LEU A 366 -1.94 -12.05 7.27
N PHE A 367 -2.29 -13.31 7.02
CA PHE A 367 -3.69 -13.70 6.94
C PHE A 367 -3.93 -15.02 7.67
N VAL A 368 -5.18 -15.26 8.05
CA VAL A 368 -5.57 -16.52 8.68
C VAL A 368 -6.65 -17.20 7.87
N ASP A 369 -6.41 -18.44 7.47
CA ASP A 369 -7.38 -19.20 6.69
C ASP A 369 -8.51 -19.68 7.57
N ILE A 370 -9.70 -19.13 7.36
CA ILE A 370 -10.86 -19.46 8.18
C ILE A 370 -11.88 -20.32 7.44
N THR A 371 -11.41 -21.00 6.39
CA THR A 371 -12.29 -21.79 5.53
C THR A 371 -12.94 -22.94 6.29
N GLN A 372 -12.20 -23.53 7.21
CA GLN A 372 -12.69 -24.67 7.98
C GLN A 372 -13.81 -24.27 8.95
N SER A 373 -13.74 -23.04 9.44
CA SER A 373 -14.73 -22.55 10.40
C SER A 373 -15.97 -22.04 9.69
N LEU A 374 -15.88 -21.89 8.37
CA LEU A 374 -16.99 -21.40 7.58
C LEU A 374 -17.64 -22.54 6.81
N SER A 375 -17.22 -23.76 7.12
CA SER A 375 -17.79 -24.96 6.50
C SER A 375 -18.74 -25.66 7.47
N ALA A 376 -18.83 -25.13 8.68
CA ALA A 376 -19.73 -25.65 9.70
C ALA A 376 -20.60 -24.53 10.25
N LYS A 377 -21.90 -24.81 10.38
CA LYS A 377 -22.86 -23.80 10.83
C LYS A 377 -22.56 -23.32 12.25
N VAL A 378 -22.26 -24.26 13.14
CA VAL A 378 -21.91 -23.93 14.52
C VAL A 378 -20.64 -23.08 14.55
N SER A 379 -19.69 -23.42 13.68
CA SER A 379 -18.42 -22.70 13.59
C SER A 379 -18.60 -21.38 12.85
N ARG A 380 -19.54 -21.34 11.92
CA ARG A 380 -19.77 -20.15 11.10
C ARG A 380 -20.28 -18.99 11.95
N ASP A 381 -21.41 -19.21 12.63
CA ASP A 381 -22.06 -18.17 13.42
C ASP A 381 -21.16 -17.64 14.54
N MET A 382 -20.45 -18.55 15.20
CA MET A 382 -19.63 -18.21 16.36
C MET A 382 -18.51 -17.23 15.99
N MET A 383 -18.14 -17.22 14.71
CA MET A 383 -17.13 -16.27 14.22
C MET A 383 -17.77 -14.97 13.76
N VAL A 384 -18.98 -15.08 13.19
CA VAL A 384 -19.68 -13.92 12.66
C VAL A 384 -20.08 -12.94 13.77
N ASN A 385 -20.56 -13.47 14.89
CA ASN A 385 -21.00 -12.61 15.99
C ASN A 385 -19.90 -12.32 17.01
N SER A 386 -18.71 -12.88 16.78
CA SER A 386 -17.56 -12.60 17.64
C SER A 386 -16.80 -11.38 17.14
N LEU A 387 -16.63 -11.31 15.82
CA LEU A 387 -15.91 -10.22 15.18
C LEU A 387 -16.90 -9.23 14.56
N GLY A 388 -18.18 -9.54 14.67
CA GLY A 388 -19.22 -8.79 13.99
C GLY A 388 -19.44 -7.36 14.45
N GLN A 389 -20.05 -7.19 15.62
CA GLN A 389 -20.41 -5.86 16.10
C GLN A 389 -19.17 -5.00 16.37
N SER A 390 -18.02 -5.65 16.53
CA SER A 390 -16.75 -4.95 16.68
C SER A 390 -16.57 -3.95 15.54
N ASP A 391 -16.92 -4.39 14.33
CA ASP A 391 -17.00 -3.51 13.17
C ASP A 391 -17.82 -4.20 12.08
N PRO A 392 -18.88 -3.53 11.61
CA PRO A 392 -19.80 -4.10 10.63
C PRO A 392 -19.13 -4.45 9.31
N LEU A 393 -17.97 -3.87 9.05
CA LEU A 393 -17.25 -4.13 7.80
C LEU A 393 -16.80 -5.58 7.71
N ILE A 394 -16.24 -6.11 8.79
CA ILE A 394 -15.85 -7.51 8.84
C ILE A 394 -17.06 -8.42 8.70
N LYS A 395 -18.08 -8.16 9.51
CA LYS A 395 -19.30 -8.95 9.49
C LYS A 395 -19.97 -8.94 8.12
N ASP A 396 -19.98 -7.77 7.48
CA ASP A 396 -20.54 -7.66 6.14
C ASP A 396 -19.67 -8.40 5.13
N ALA A 397 -18.36 -8.33 5.33
CA ALA A 397 -17.41 -9.01 4.45
C ALA A 397 -17.53 -10.53 4.59
N LEU A 398 -17.73 -10.99 5.82
CA LEU A 398 -17.93 -12.42 6.07
C LEU A 398 -19.21 -12.90 5.38
N LEU A 399 -20.30 -12.18 5.61
CA LEU A 399 -21.59 -12.51 5.00
C LEU A 399 -21.51 -12.42 3.48
N THR A 400 -20.60 -11.58 2.98
CA THR A 400 -20.41 -11.41 1.54
C THR A 400 -19.87 -12.68 0.90
N VAL A 401 -18.79 -13.18 1.46
CA VAL A 401 -18.15 -14.40 1.02
C VAL A 401 -18.99 -15.63 1.26
N ILE A 402 -19.72 -15.66 2.36
CA ILE A 402 -20.56 -16.78 2.71
C ILE A 402 -21.68 -17.08 1.73
N ASN A 403 -22.29 -16.04 1.20
CA ASN A 403 -23.41 -16.19 0.31
C ASN A 403 -23.02 -16.06 -1.12
N LYS A 404 -21.79 -16.39 -1.42
CA LYS A 404 -21.29 -16.24 -2.77
C LYS A 404 -21.78 -17.37 -3.64
N LYS A 405 -21.50 -17.30 -4.92
CA LYS A 405 -22.01 -18.31 -5.82
C LYS A 405 -21.26 -19.60 -5.72
N GLY A 406 -21.58 -20.32 -4.66
CA GLY A 406 -20.98 -21.61 -4.42
C GLY A 406 -19.50 -21.58 -4.30
N PHE A 407 -18.96 -20.52 -3.72
CA PHE A 407 -17.53 -20.48 -3.52
C PHE A 407 -17.23 -21.51 -2.45
N LEU A 408 -18.04 -21.50 -1.41
CA LEU A 408 -17.91 -22.44 -0.30
C LEU A 408 -18.89 -23.59 -0.47
N PRO A 409 -18.50 -24.79 -0.04
CA PRO A 409 -19.42 -25.93 -0.02
C PRO A 409 -20.64 -25.65 0.84
N PRO A 410 -21.78 -26.17 0.43
CA PRO A 410 -23.01 -26.00 1.17
C PRO A 410 -22.78 -26.84 2.39
N LEU A 411 -23.79 -26.96 3.22
CA LEU A 411 -23.69 -27.47 4.56
C LEU A 411 -24.58 -28.66 4.62
N PRO A 412 -24.16 -29.74 5.23
CA PRO A 412 -24.77 -31.02 4.92
C PRO A 412 -25.85 -31.46 5.86
N THR A 413 -26.94 -32.00 5.36
CA THR A 413 -28.01 -32.29 6.29
C THR A 413 -27.44 -32.81 7.60
N ASP A 433 -8.41 -10.98 42.99
CA ASP A 433 -7.11 -11.02 42.33
C ASP A 433 -6.60 -9.62 42.03
N SER A 434 -6.42 -8.80 43.08
CA SER A 434 -6.11 -7.39 42.89
C SER A 434 -4.64 -7.03 43.09
N SER A 435 -3.93 -7.76 43.95
CA SER A 435 -2.51 -7.51 44.19
C SER A 435 -1.65 -8.04 43.04
N SER A 436 -2.29 -8.28 41.90
CA SER A 436 -1.69 -9.03 40.80
C SER A 436 -0.82 -8.20 39.87
N VAL A 437 -0.96 -6.88 39.91
CA VAL A 437 -0.39 -6.03 38.85
C VAL A 437 1.11 -5.75 38.98
N PHE A 438 1.54 -5.25 40.13
CA PHE A 438 2.91 -4.75 40.28
C PHE A 438 3.99 -5.79 40.02
N GLU A 439 3.72 -7.05 40.34
CA GLU A 439 4.70 -8.10 40.12
C GLU A 439 4.81 -8.44 38.64
N LEU A 440 3.66 -8.55 37.96
CA LEU A 440 3.63 -8.81 36.51
C LEU A 440 4.44 -7.75 35.77
N VAL A 441 4.42 -6.53 36.30
CA VAL A 441 5.24 -5.46 35.77
C VAL A 441 6.71 -5.71 36.05
N ARG A 442 7.02 -6.04 37.31
CA ARG A 442 8.41 -6.28 37.71
C ARG A 442 8.96 -7.60 37.15
N ASN A 443 8.11 -8.63 37.09
CA ASN A 443 8.50 -9.89 36.48
C ASN A 443 8.86 -9.68 35.02
N SER A 444 8.13 -8.78 34.37
CA SER A 444 8.42 -8.41 32.99
C SER A 444 9.75 -7.67 32.91
N GLU A 445 9.97 -6.75 33.84
CA GLU A 445 11.22 -5.99 33.89
C GLU A 445 12.39 -6.91 34.19
N ASN A 446 12.15 -7.92 35.03
CA ASN A 446 13.18 -8.91 35.35
C ASN A 446 13.40 -9.89 34.21
N SER A 447 12.42 -10.00 33.33
CA SER A 447 12.52 -10.91 32.19
C SER A 447 13.29 -10.25 31.04
N ILE A 448 13.28 -8.92 31.02
CA ILE A 448 13.98 -8.16 29.99
C ILE A 448 15.46 -8.01 30.31
N LYS A 449 15.76 -7.75 31.58
CA LYS A 449 17.15 -7.56 32.01
C LYS A 449 17.98 -8.82 31.80
N HIS A 450 17.38 -9.98 32.03
CA HIS A 450 18.10 -11.25 31.89
C HIS A 450 18.33 -11.58 30.42
N LEU A 451 17.43 -11.11 29.57
CA LEU A 451 17.54 -11.33 28.14
C LEU A 451 18.63 -10.47 27.53
N LYS A 452 18.68 -9.21 27.94
CA LYS A 452 19.58 -8.22 27.35
C LYS A 452 21.06 -8.51 27.66
N GLN A 453 21.32 -9.02 28.86
CA GLN A 453 22.69 -9.35 29.24
C GLN A 453 23.02 -10.81 28.92
N SER A 454 22.20 -11.42 28.07
CA SER A 454 22.46 -12.78 27.62
C SER A 454 22.48 -12.84 26.09
N ILE A 455 22.18 -11.72 25.44
CA ILE A 455 22.31 -11.61 23.99
C ILE A 455 23.67 -11.03 23.64
N GLU A 456 24.20 -10.19 24.53
CA GLU A 456 25.56 -9.68 24.37
C GLU A 456 26.53 -10.82 24.66
N THR A 457 26.01 -11.84 25.33
CA THR A 457 26.75 -13.06 25.61
C THR A 457 26.92 -13.90 24.35
N LYS A 458 25.87 -13.96 23.53
CA LYS A 458 25.83 -14.89 22.40
C LYS A 458 25.90 -14.21 21.04
N SER A 459 26.41 -14.95 20.05
CA SER A 459 26.48 -14.48 18.67
C SER A 459 26.77 -15.65 17.74
N GLY A 460 26.57 -15.46 16.44
CA GLY A 460 26.87 -16.48 15.46
C GLY A 460 25.68 -17.35 15.08
N SER A 461 25.83 -18.64 15.30
CA SER A 461 24.79 -19.61 14.94
C SER A 461 23.89 -19.92 16.13
N ASP A 462 24.47 -19.93 17.33
CA ASP A 462 23.70 -20.18 18.54
C ASP A 462 22.96 -18.93 18.99
N LEU A 463 23.14 -17.83 18.26
CA LEU A 463 22.35 -16.63 18.48
C LEU A 463 20.92 -16.87 18.05
N PHE A 464 20.76 -17.49 16.88
CA PHE A 464 19.45 -17.86 16.38
C PHE A 464 18.86 -18.97 17.23
N ASP A 465 19.72 -19.85 17.75
CA ASP A 465 19.30 -20.91 18.65
C ASP A 465 18.76 -20.32 19.95
N PHE A 466 19.30 -19.18 20.34
CA PHE A 466 18.89 -18.52 21.58
C PHE A 466 17.59 -17.76 21.42
N ILE A 467 17.42 -17.11 20.26
CA ILE A 467 16.22 -16.32 19.98
C ILE A 467 14.98 -17.21 19.90
N VAL A 468 15.10 -18.32 19.20
CA VAL A 468 14.00 -19.29 19.07
C VAL A 468 13.52 -19.75 20.44
N GLU A 469 14.47 -20.07 21.32
CA GLU A 469 14.15 -20.48 22.69
C GLU A 469 13.47 -19.35 23.46
N ASP A 470 14.00 -18.13 23.30
CA ASP A 470 13.50 -16.98 24.04
C ASP A 470 12.10 -16.57 23.57
N LEU A 471 11.76 -16.97 22.33
CA LEU A 471 10.44 -16.71 21.79
C LEU A 471 9.38 -17.51 22.56
N GLU A 472 9.78 -18.67 23.07
CA GLU A 472 8.89 -19.49 23.89
C GLU A 472 8.60 -18.79 25.22
N GLU A 473 9.62 -18.14 25.77
CA GLU A 473 9.46 -17.38 27.00
C GLU A 473 8.61 -16.13 26.74
N LEU A 474 8.78 -15.55 25.56
CA LEU A 474 7.96 -14.42 25.14
C LEU A 474 6.50 -14.85 25.11
N LYS A 475 6.24 -16.09 24.71
CA LYS A 475 4.90 -16.61 24.62
C LYS A 475 4.23 -16.79 25.98
N ARG A 476 4.93 -17.39 26.93
CA ARG A 476 4.35 -17.65 28.24
C ARG A 476 4.40 -16.44 29.17
N VAL A 477 4.91 -15.32 28.66
CA VAL A 477 4.80 -14.05 29.38
C VAL A 477 3.60 -13.29 28.81
N LEU A 478 3.44 -13.39 27.49
CA LEU A 478 2.35 -12.73 26.79
C LEU A 478 1.04 -13.49 26.95
N PHE A 479 1.10 -14.81 26.89
CA PHE A 479 -0.09 -15.65 27.02
C PHE A 479 -0.24 -16.19 28.44
N ASN A 480 0.46 -15.56 29.37
CA ASN A 480 0.34 -15.92 30.78
C ASN A 480 -1.09 -15.75 31.28
N PRO A 481 -1.69 -16.85 31.75
CA PRO A 481 -3.06 -16.84 32.27
C PRO A 481 -3.28 -15.77 33.33
N THR A 482 -2.28 -15.58 34.20
CA THR A 482 -2.33 -14.56 35.24
C THR A 482 -2.40 -13.16 34.62
N SER A 483 -1.74 -12.99 33.48
CA SER A 483 -1.71 -11.68 32.82
C SER A 483 -3.03 -11.34 32.14
N ILE A 484 -3.74 -12.35 31.64
CA ILE A 484 -4.99 -12.10 30.94
C ILE A 484 -6.19 -12.24 31.88
N ASP A 485 -6.00 -12.93 33.01
CA ASP A 485 -7.00 -12.96 34.06
C ASP A 485 -7.03 -11.59 34.74
N ALA A 486 -5.91 -10.88 34.67
CA ALA A 486 -5.78 -9.58 35.29
C ALA A 486 -6.67 -8.54 34.62
N ILE A 487 -6.61 -8.46 33.30
CA ILE A 487 -7.35 -7.44 32.59
C ILE A 487 -8.76 -7.90 32.24
N MET A 488 -9.02 -9.19 32.40
CA MET A 488 -10.39 -9.69 32.30
C MET A 488 -11.19 -9.05 33.43
N ALA A 489 -10.56 -8.92 34.59
CA ALA A 489 -11.16 -8.26 35.73
C ALA A 489 -11.43 -6.79 35.43
N GLY A 490 -10.50 -6.16 34.73
CA GLY A 490 -10.64 -4.78 34.32
C GLY A 490 -11.82 -4.59 33.40
N MET A 491 -11.87 -5.38 32.33
CA MET A 491 -12.93 -5.25 31.34
C MET A 491 -14.29 -5.68 31.89
N ASP A 492 -14.30 -6.70 32.74
CA ASP A 492 -15.56 -7.17 33.34
C ASP A 492 -16.06 -6.21 34.41
N ALA A 493 -15.19 -5.32 34.87
CA ALA A 493 -15.57 -4.32 35.87
C ALA A 493 -16.56 -3.32 35.28
N SER A 494 -16.55 -3.20 33.96
CA SER A 494 -17.46 -2.31 33.25
C SER A 494 -18.91 -2.73 33.46
N ASN A 509 -20.73 3.99 28.38
CA ASN A 509 -21.53 5.09 28.91
C ASN A 509 -20.92 5.70 30.17
N VAL A 510 -21.45 5.29 31.33
CA VAL A 510 -21.05 5.85 32.61
C VAL A 510 -19.63 5.44 33.01
N ALA A 511 -19.20 4.27 32.55
CA ALA A 511 -17.95 3.66 33.01
C ALA A 511 -16.68 4.36 32.51
N ASP A 512 -16.72 4.89 31.30
CA ASP A 512 -15.52 5.43 30.65
C ASP A 512 -14.90 6.63 31.36
N LYS A 513 -15.66 7.71 31.46
CA LYS A 513 -15.16 8.96 32.05
C LYS A 513 -14.89 8.77 33.54
N LEU A 514 -15.47 7.72 34.10
CA LEU A 514 -15.24 7.33 35.48
C LEU A 514 -13.87 6.67 35.63
N SER A 515 -13.32 6.25 34.50
CA SER A 515 -12.01 5.60 34.46
C SER A 515 -10.94 6.52 33.88
N GLU A 516 -11.24 7.81 33.82
CA GLU A 516 -10.30 8.80 33.29
C GLU A 516 -9.05 8.93 34.15
N SER A 517 -7.94 9.25 33.51
CA SER A 517 -6.68 9.56 34.20
C SER A 517 -6.25 8.47 35.18
N ALA A 518 -6.14 7.24 34.69
CA ALA A 518 -5.70 6.13 35.51
C ALA A 518 -4.19 5.96 35.40
N PRO A 519 -3.50 6.01 36.54
CA PRO A 519 -2.04 5.86 36.58
C PRO A 519 -1.58 4.48 36.13
N ASN A 520 -0.27 4.30 35.99
CA ASN A 520 0.34 3.04 35.57
C ASN A 520 -0.16 2.54 34.22
N ASN A 521 -0.35 3.48 33.28
CA ASN A 521 -0.60 3.13 31.89
C ASN A 521 0.60 3.57 31.06
N ILE A 522 1.36 2.60 30.58
CA ILE A 522 2.67 2.87 29.96
C ILE A 522 2.59 3.81 28.76
N THR A 523 1.52 3.71 27.97
CA THR A 523 1.36 4.55 26.79
C THR A 523 0.85 5.93 27.16
N SER A 524 0.08 6.01 28.24
CA SER A 524 -0.42 7.28 28.73
C SER A 524 0.74 8.15 29.19
N GLN A 525 1.67 7.55 29.92
CA GLN A 525 2.85 8.25 30.41
C GLN A 525 3.74 8.69 29.25
N MET A 526 3.85 7.85 28.25
CA MET A 526 4.65 8.14 27.06
C MET A 526 4.23 9.45 26.40
N GLY A 527 2.92 9.63 26.27
CA GLY A 527 2.38 10.86 25.72
C GLY A 527 2.53 12.00 26.70
N LEU A 528 2.38 11.70 27.99
CA LEU A 528 2.46 12.72 29.03
C LEU A 528 3.89 13.14 29.32
N GLU A 529 4.81 12.19 29.36
CA GLU A 529 6.22 12.50 29.61
C GLU A 529 6.84 13.24 28.44
N LEU A 530 6.27 13.06 27.25
CA LEU A 530 6.72 13.80 26.07
C LEU A 530 6.45 15.28 26.27
N LEU A 531 5.32 15.58 26.92
CA LEU A 531 5.00 16.94 27.32
C LEU A 531 5.92 17.38 28.44
N ASP A 532 6.22 16.46 29.36
CA ASP A 532 7.20 16.73 30.39
C ASP A 532 8.53 17.06 29.73
N VAL A 533 8.94 16.23 28.77
CA VAL A 533 10.12 16.50 27.97
C VAL A 533 10.01 17.87 27.28
N ALA A 534 8.80 18.19 26.82
CA ALA A 534 8.56 19.42 26.08
C ALA A 534 8.80 20.68 26.92
N ASP A 535 8.56 20.60 28.23
CA ASP A 535 8.65 21.80 29.06
C ASP A 535 10.01 21.99 29.75
N VAL A 536 10.88 20.99 29.71
CA VAL A 536 12.25 21.20 30.16
C VAL A 536 13.08 21.72 28.99
N ILE A 537 12.63 21.42 27.80
CA ILE A 537 13.24 21.84 26.56
C ILE A 537 13.09 23.31 26.25
N ARG A 538 11.91 23.81 26.55
CA ARG A 538 11.46 25.13 26.15
C ARG A 538 12.06 26.47 26.50
N PRO A 539 12.55 26.61 27.79
CA PRO A 539 13.08 27.96 28.04
C PRO A 539 14.23 28.25 27.12
N TYR A 540 15.05 27.26 26.88
CA TYR A 540 16.26 27.48 26.13
C TYR A 540 15.78 27.63 24.72
N PRO A 541 15.69 28.95 24.34
CA PRO A 541 15.20 29.16 22.99
C PRO A 541 16.23 28.68 22.09
N ALA A 542 17.38 28.90 22.63
CA ALA A 542 18.58 28.68 21.94
C ALA A 542 18.54 27.30 21.29
N VAL A 543 17.65 26.38 21.71
CA VAL A 543 17.60 25.10 21.00
C VAL A 543 16.31 24.89 20.07
N ARG A 544 16.04 25.73 19.07
CA ARG A 544 15.02 25.36 18.05
C ARG A 544 15.48 25.64 16.63
N ALA A 545 16.41 26.55 16.45
CA ALA A 545 16.85 26.83 15.10
C ALA A 545 17.51 25.63 14.44
N TYR A 546 18.40 24.98 15.17
CA TYR A 546 19.12 23.83 14.64
C TYR A 546 18.16 22.71 14.30
N LEU A 547 17.15 22.56 15.14
CA LEU A 547 16.17 21.51 15.03
C LEU A 547 15.29 21.44 13.79
N GLU A 548 15.11 22.55 13.09
CA GLU A 548 14.11 22.64 12.05
C GLU A 548 14.71 22.59 10.64
N GLN A 549 16.04 22.56 10.57
CA GLN A 549 16.69 22.37 9.28
C GLN A 549 17.33 20.98 9.22
N THR A 550 17.49 20.37 10.39
CA THR A 550 18.24 19.13 10.52
C THR A 550 17.65 17.97 9.72
N LYS A 551 18.26 17.72 8.55
CA LYS A 551 18.00 16.53 7.76
C LYS A 551 18.77 15.37 8.39
N ASN A 552 19.64 15.73 9.32
CA ASN A 552 20.62 14.81 9.90
C ASN A 552 20.12 14.07 11.15
N PRO A 553 20.10 12.73 11.10
CA PRO A 553 19.59 11.88 12.18
C PRO A 553 20.37 12.01 13.49
N ASP A 554 21.68 12.15 13.40
CA ASP A 554 22.52 12.24 14.60
C ASP A 554 22.56 13.65 15.16
N PHE A 555 21.39 14.22 15.42
CA PHE A 555 21.29 15.58 15.93
C PHE A 555 21.59 15.65 17.42
N MET A 556 21.54 14.50 18.09
CA MET A 556 21.74 14.46 19.53
C MET A 556 23.21 14.46 19.93
N ASN A 557 24.06 14.99 19.05
CA ASN A 557 25.48 15.13 19.36
C ASN A 557 25.86 16.57 19.61
N GLU A 558 25.28 17.48 18.81
CA GLU A 558 25.59 18.90 18.91
C GLU A 558 24.63 19.62 19.86
N LEU A 559 24.06 18.88 20.81
CA LEU A 559 23.21 19.47 21.82
C LEU A 559 24.04 20.14 22.91
N ALA A 560 25.20 19.55 23.19
CA ALA A 560 26.07 20.02 24.26
C ALA A 560 26.89 21.24 23.85
N THR A 561 27.02 21.47 22.55
CA THR A 561 27.78 22.61 22.07
C THR A 561 26.98 23.89 22.27
N LEU A 562 25.70 23.69 22.61
CA LEU A 562 24.72 24.75 22.83
C LEU A 562 24.16 24.67 24.26
N GLU A 563 23.56 25.75 24.74
CA GLU A 563 23.09 25.76 26.13
C GLU A 563 21.65 25.27 26.22
N GLY A 564 21.37 24.45 27.22
CA GLY A 564 20.06 23.85 27.36
C GLY A 564 20.03 22.48 26.71
N GLY A 565 20.62 22.39 25.52
CA GLY A 565 20.67 21.16 24.76
C GLY A 565 21.26 20.00 25.55
N ALA A 566 22.18 20.33 26.45
CA ALA A 566 22.77 19.33 27.34
C ALA A 566 21.73 18.82 28.34
N GLU A 567 20.96 19.75 28.90
CA GLU A 567 19.97 19.41 29.91
C GLU A 567 18.69 18.84 29.29
N THR A 568 18.52 19.04 27.98
CA THR A 568 17.41 18.44 27.27
C THR A 568 17.78 17.03 26.82
N LYS A 569 19.04 16.85 26.45
CA LYS A 569 19.56 15.54 26.05
C LYS A 569 19.32 14.53 27.16
N LYS A 570 19.61 14.92 28.40
CA LYS A 570 19.39 14.07 29.56
C LYS A 570 17.92 13.69 29.66
N ALA A 571 17.04 14.68 29.45
CA ALA A 571 15.61 14.45 29.49
C ALA A 571 15.13 13.68 28.27
N LEU A 572 15.83 13.87 27.15
CA LEU A 572 15.48 13.20 25.91
C LEU A 572 15.98 11.75 25.91
N GLU A 573 17.16 11.52 26.48
CA GLU A 573 17.72 10.17 26.56
C GLU A 573 16.98 9.31 27.57
N ASP A 574 16.56 9.92 28.69
CA ASP A 574 15.78 9.20 29.69
C ASP A 574 14.43 8.77 29.10
N TYR A 575 13.92 9.57 28.17
CA TYR A 575 12.69 9.25 27.47
C TYR A 575 12.92 8.07 26.53
N LEU A 576 14.07 8.07 25.87
CA LEU A 576 14.42 7.01 24.92
C LEU A 576 14.71 5.70 25.64
N GLN A 577 15.08 5.78 26.91
CA GLN A 577 15.33 4.59 27.71
C GLN A 577 14.04 3.86 28.06
N LYS A 578 12.94 4.60 28.12
CA LYS A 578 11.67 4.02 28.52
C LYS A 578 10.67 3.94 27.37
N TYR A 579 10.82 4.82 26.38
CA TYR A 579 9.83 4.91 25.31
C TYR A 579 10.45 4.86 23.92
N GLY A 580 11.78 4.91 23.83
CA GLY A 580 12.48 4.84 22.55
C GLY A 580 12.36 3.45 21.95
N MET A 581 11.82 2.49 22.67
CA MET A 581 11.72 1.18 22.03
C MET A 581 10.52 1.07 21.13
N ARG A 582 9.59 1.99 21.25
CA ARG A 582 8.43 1.92 20.37
C ARG A 582 8.63 2.68 19.06
N CYS A 583 7.65 2.55 18.18
CA CYS A 583 7.62 3.27 16.91
C CYS A 583 6.22 3.13 16.28
N ALA A 584 6.06 3.69 15.09
CA ALA A 584 4.79 3.56 14.38
C ALA A 584 4.72 2.25 13.63
N GLY A 585 4.12 1.24 14.25
CA GLY A 585 4.06 -0.09 13.66
C GLY A 585 5.10 -1.01 14.25
N GLU A 586 5.20 -1.01 15.58
CA GLU A 586 6.17 -1.81 16.32
C GLU A 586 6.10 -3.29 15.97
N ILE A 587 4.92 -3.72 15.53
CA ILE A 587 4.66 -5.09 15.11
C ILE A 587 5.71 -5.58 14.10
N ASP A 588 6.06 -4.70 13.16
CA ASP A 588 7.13 -4.99 12.21
C ASP A 588 8.47 -4.68 12.88
N LEU A 589 9.17 -5.73 13.28
CA LEU A 589 10.43 -5.62 14.00
C LEU A 589 11.49 -4.84 13.22
N THR A 590 11.41 -4.92 11.89
CA THR A 590 12.41 -4.29 11.04
C THR A 590 12.19 -2.79 10.87
N LYS A 591 11.06 -2.30 11.40
CA LYS A 591 10.74 -0.88 11.29
C LYS A 591 11.55 -0.06 12.29
N THR A 592 12.06 1.08 11.86
CA THR A 592 12.95 1.90 12.66
C THR A 592 12.29 2.41 13.94
N ARG A 593 12.89 2.12 15.08
CA ARG A 593 12.43 2.57 16.38
C ARG A 593 12.83 3.99 16.65
N TRP A 594 12.28 4.57 17.69
CA TRP A 594 12.54 5.97 18.01
C TRP A 594 14.00 6.24 18.38
N ILE A 595 14.64 5.30 19.08
CA ILE A 595 16.02 5.50 19.51
C ILE A 595 17.00 5.24 18.37
N GLU A 596 16.52 4.63 17.29
CA GLU A 596 17.33 4.42 16.10
C GLU A 596 17.31 5.65 15.21
N ASN A 597 16.30 6.48 15.41
CA ASN A 597 16.16 7.73 14.67
C ASN A 597 15.24 8.71 15.41
N PRO A 598 15.80 9.43 16.40
CA PRO A 598 15.04 10.39 17.22
C PRO A 598 14.54 11.58 16.41
N LEU A 599 14.87 11.61 15.13
CA LEU A 599 14.45 12.69 14.23
C LEU A 599 12.95 12.60 13.92
N THR A 600 12.34 11.48 14.29
CA THR A 600 10.92 11.27 14.04
C THR A 600 10.04 11.97 15.07
N LEU A 601 10.58 12.19 16.27
CA LEU A 601 9.82 12.83 17.35
C LEU A 601 9.91 14.34 17.27
N ILE A 602 10.74 14.86 16.35
CA ILE A 602 10.96 16.29 16.23
C ILE A 602 9.69 17.13 16.06
N PRO A 603 8.81 16.77 15.09
CA PRO A 603 7.64 17.65 14.90
C PRO A 603 6.68 17.63 16.09
N LEU A 604 6.40 16.43 16.63
CA LEU A 604 5.47 16.29 17.75
C LEU A 604 5.94 17.04 18.99
N ILE A 605 7.25 17.07 19.21
CA ILE A 605 7.81 17.81 20.33
C ILE A 605 7.75 19.31 20.06
N LEU A 606 8.03 19.71 18.82
CA LEU A 606 7.90 21.09 18.42
C LEU A 606 6.44 21.55 18.52
N SER A 607 5.53 20.66 18.14
CA SER A 607 4.10 20.95 18.23
C SER A 607 3.67 21.12 19.69
N ASN A 608 4.33 20.39 20.58
CA ASN A 608 4.10 20.54 22.00
C ASN A 608 4.84 21.77 22.53
N ILE A 609 5.74 22.29 21.72
CA ILE A 609 6.48 23.50 22.06
C ILE A 609 5.75 24.73 21.54
N LYS A 610 5.15 24.59 20.36
CA LYS A 610 4.46 25.69 19.70
C LYS A 610 3.24 26.20 20.45
N ASN A 611 2.64 25.36 21.29
CA ASN A 611 1.39 25.68 21.93
C ASN A 611 1.18 25.50 23.44
N PHE A 612 2.24 25.27 24.23
CA PHE A 612 2.07 24.91 25.66
C PHE A 612 2.79 25.50 26.89
N ASP A 613 2.20 25.13 28.04
CA ASP A 613 2.53 25.47 29.41
C ASP A 613 3.89 25.04 29.92
N SER A 614 4.02 25.39 31.18
CA SER A 614 5.13 25.11 32.09
C SER A 614 5.07 23.69 32.65
N SER A 615 3.86 23.13 32.66
CA SER A 615 3.65 21.77 33.17
C SER A 615 2.34 21.22 32.62
N ALA A 616 2.26 21.10 31.29
CA ALA A 616 1.04 20.69 30.60
C ALA A 616 0.66 19.27 30.97
N SER A 617 1.66 18.45 31.26
CA SER A 617 1.41 17.07 31.68
C SER A 617 0.63 17.04 32.98
N MET A 618 0.86 18.04 33.84
CA MET A 618 0.19 18.07 35.12
C MET A 618 -1.30 18.33 34.93
N HIS A 619 -1.62 19.43 34.24
CA HIS A 619 -3.00 19.90 34.07
C HIS A 619 -3.93 18.97 33.30
N LYS A 620 -3.50 18.51 32.13
CA LYS A 620 -4.35 17.62 31.32
C LYS A 620 -4.50 16.28 32.01
N PHE A 621 -3.50 15.89 32.77
CA PHE A 621 -3.66 14.78 33.69
C PHE A 621 -4.62 15.25 34.78
N ALA A 622 -4.35 16.43 35.33
CA ALA A 622 -5.16 16.98 36.41
C ALA A 622 -6.61 17.15 36.00
N GLN A 623 -6.84 17.53 34.74
CA GLN A 623 -8.20 17.68 34.22
C GLN A 623 -9.03 16.43 34.45
N GLY A 624 -8.42 15.29 34.16
CA GLY A 624 -9.11 14.02 34.19
C GLY A 624 -9.67 13.65 35.55
N GLU A 625 -8.82 13.60 36.57
CA GLU A 625 -9.27 13.05 37.84
C GLU A 625 -10.28 13.93 38.55
N LYS A 626 -10.45 15.19 38.15
CA LYS A 626 -11.45 16.03 38.80
C LYS A 626 -12.82 15.93 38.13
N GLU A 627 -12.85 15.65 36.82
CA GLU A 627 -14.10 15.31 36.17
C GLU A 627 -14.37 13.85 36.49
N ALA A 628 -13.30 13.10 36.71
CA ALA A 628 -13.44 11.83 37.40
C ALA A 628 -13.85 12.07 38.88
N PHE A 629 -13.48 13.24 39.43
CA PHE A 629 -13.83 13.61 40.81
C PHE A 629 -15.11 14.42 40.92
N HIS A 630 -16.01 14.35 39.95
CA HIS A 630 -17.36 14.82 40.27
C HIS A 630 -18.40 13.78 39.81
N LYS A 631 -17.93 12.76 39.11
CA LYS A 631 -18.72 11.57 38.74
C LYS A 631 -18.54 10.40 39.74
N GLU A 632 -17.52 10.48 40.56
CA GLU A 632 -17.29 9.45 41.54
C GLU A 632 -18.52 9.41 42.44
N GLN A 633 -19.17 10.55 42.62
CA GLN A 633 -20.34 10.60 43.52
C GLN A 633 -21.66 11.17 43.03
N GLU A 634 -21.82 11.44 41.74
CA GLU A 634 -23.14 11.72 41.23
C GLU A 634 -23.97 10.53 41.60
N ILE A 635 -23.30 9.39 41.50
CA ILE A 635 -23.81 8.08 41.83
C ILE A 635 -23.84 7.78 43.34
N LEU A 636 -23.00 8.46 44.14
CA LEU A 636 -23.01 8.33 45.63
C LEU A 636 -24.35 8.58 46.30
N ARG A 637 -24.91 9.76 46.05
CA ARG A 637 -26.00 10.28 46.88
C ARG A 637 -27.37 9.69 46.49
N ALA A 649 -24.75 0.59 48.40
CA ALA A 649 -24.26 1.12 47.13
C ALA A 649 -22.78 1.43 47.19
N MET A 650 -22.09 0.86 48.19
CA MET A 650 -20.65 1.01 48.31
C MET A 650 -19.96 -0.21 47.73
N GLU A 651 -20.71 -1.02 47.00
CA GLU A 651 -20.18 -2.17 46.28
C GLU A 651 -19.43 -1.60 45.10
N THR A 652 -20.01 -0.55 44.55
CA THR A 652 -19.47 0.16 43.43
C THR A 652 -18.15 0.88 43.64
N LYS A 653 -17.86 1.34 44.86
CA LYS A 653 -16.67 2.16 45.03
C LYS A 653 -15.33 1.61 44.64
N GLU A 654 -15.02 0.37 44.99
CA GLU A 654 -13.73 -0.15 44.56
C GLU A 654 -13.84 -0.86 43.20
N LYS A 655 -15.06 -1.16 42.77
CA LYS A 655 -15.27 -1.82 41.49
C LYS A 655 -14.71 -0.85 40.50
N ILE A 656 -14.99 0.41 40.74
CA ILE A 656 -14.41 1.50 39.96
C ILE A 656 -12.83 1.49 39.91
N ASP A 657 -12.19 1.26 41.08
CA ASP A 657 -10.71 1.19 41.23
C ASP A 657 -9.99 -0.06 40.69
N ILE A 658 -10.48 -1.24 41.10
CA ILE A 658 -10.03 -2.52 40.61
C ILE A 658 -10.13 -2.50 39.07
N LEU A 659 -10.97 -1.58 38.58
CA LEU A 659 -10.91 -1.08 37.21
C LEU A 659 -9.78 -0.04 37.08
N ARG A 660 -9.91 1.10 37.76
CA ARG A 660 -8.96 2.22 37.63
C ARG A 660 -7.50 1.84 37.83
N HIS A 661 -7.23 1.09 38.90
CA HIS A 661 -5.86 0.73 39.25
C HIS A 661 -5.36 -0.46 38.42
N PHE A 662 -6.18 -0.93 37.51
CA PHE A 662 -5.81 -2.08 36.68
C PHE A 662 -5.61 -1.75 35.20
N ILE A 663 -6.65 -1.20 34.57
CA ILE A 663 -6.68 -1.07 33.11
C ILE A 663 -5.48 -0.35 32.49
N GLY A 664 -4.67 0.30 33.32
CA GLY A 664 -3.43 0.86 32.86
C GLY A 664 -2.47 -0.24 32.44
N TYR A 665 -2.72 -1.45 32.92
CA TYR A 665 -1.87 -2.60 32.63
C TYR A 665 -2.25 -3.25 31.29
N ARG A 666 -3.42 -2.89 30.76
CA ARG A 666 -3.91 -3.53 29.54
C ARG A 666 -3.02 -3.23 28.32
N GLU A 667 -2.12 -2.28 28.47
CA GLU A 667 -1.21 -1.92 27.40
C GLU A 667 0.24 -2.27 27.70
N TYR A 668 0.44 -3.08 28.73
CA TYR A 668 1.80 -3.48 29.12
C TYR A 668 2.28 -4.78 28.44
N PRO A 669 1.40 -5.80 28.28
CA PRO A 669 1.85 -6.96 27.50
C PRO A 669 2.33 -6.58 26.10
N LYS A 670 1.66 -5.60 25.49
CA LYS A 670 2.08 -5.06 24.20
C LYS A 670 3.46 -4.43 24.32
N TYR A 671 3.65 -3.68 25.40
CA TYR A 671 4.91 -2.99 25.66
C TYR A 671 6.02 -3.98 25.99
N GLY A 672 5.66 -5.09 26.64
CA GLY A 672 6.63 -6.09 27.02
C GLY A 672 7.12 -6.91 25.84
N MET A 673 6.24 -7.15 24.87
CA MET A 673 6.59 -7.94 23.70
C MET A 673 7.57 -7.20 22.79
N ILE A 674 7.22 -5.97 22.43
CA ILE A 674 8.01 -5.19 21.48
C ILE A 674 9.35 -4.76 22.06
N ASN A 675 9.48 -4.84 23.39
CA ASN A 675 10.77 -4.65 24.03
C ASN A 675 11.73 -5.76 23.64
N ARG A 676 11.24 -7.00 23.70
CA ARG A 676 12.03 -8.15 23.31
C ARG A 676 12.37 -8.06 21.83
N TYR A 677 11.47 -7.47 21.04
CA TYR A 677 11.69 -7.28 19.62
C TYR A 677 12.95 -6.48 19.34
N PHE A 678 13.10 -5.36 20.04
CA PHE A 678 14.21 -4.46 19.82
C PHE A 678 15.54 -5.06 20.28
N ILE A 679 15.49 -5.89 21.33
CA ILE A 679 16.69 -6.55 21.81
C ILE A 679 17.17 -7.58 20.79
N TYR A 680 16.23 -8.28 20.16
CA TYR A 680 16.56 -9.23 19.11
C TYR A 680 17.12 -8.49 17.90
N LYS A 681 16.49 -7.36 17.57
CA LYS A 681 16.88 -6.57 16.41
C LYS A 681 18.33 -6.11 16.49
N LEU A 682 18.71 -5.56 17.64
CA LEU A 682 20.08 -5.11 17.85
C LEU A 682 21.04 -6.29 17.73
N ALA A 683 20.63 -7.44 18.24
CA ALA A 683 21.44 -8.65 18.18
C ALA A 683 21.52 -9.19 16.75
N LEU A 684 20.44 -9.01 16.00
CA LEU A 684 20.38 -9.50 14.63
C LEU A 684 21.10 -8.53 13.68
N LEU A 685 20.99 -7.24 13.96
CA LEU A 685 21.67 -6.22 13.15
C LEU A 685 23.18 -6.36 13.25
N ARG A 686 23.69 -6.56 14.46
CA ARG A 686 25.13 -6.76 14.64
C ARG A 686 25.54 -8.10 14.05
N ALA A 687 24.59 -9.03 13.97
CA ALA A 687 24.82 -10.30 13.30
C ALA A 687 24.87 -10.10 11.79
N GLY A 688 24.35 -8.96 11.34
CA GLY A 688 24.40 -8.60 9.94
C GLY A 688 25.62 -7.74 9.64
N GLU A 689 26.08 -7.02 10.67
CA GLU A 689 27.29 -6.22 10.57
C GLU A 689 28.51 -7.12 10.46
N GLN A 690 28.39 -8.34 10.96
CA GLN A 690 29.46 -9.32 10.83
C GLN A 690 29.31 -10.07 9.52
N LEU A 691 28.18 -9.87 8.86
CA LEU A 691 27.95 -10.49 7.55
C LEU A 691 28.49 -9.63 6.42
N VAL A 692 28.70 -8.35 6.68
CA VAL A 692 29.28 -7.46 5.67
C VAL A 692 30.81 -7.49 5.77
N LYS A 693 31.32 -7.76 6.97
CA LYS A 693 32.76 -7.84 7.18
C LYS A 693 33.29 -9.22 6.77
N ASP A 694 32.40 -10.22 6.77
CA ASP A 694 32.76 -11.54 6.27
C ASP A 694 32.69 -11.58 4.74
N GLY A 695 32.13 -10.53 4.16
CA GLY A 695 32.03 -10.42 2.71
C GLY A 695 30.81 -11.13 2.16
N ILE A 696 29.77 -11.23 2.97
CA ILE A 696 28.55 -11.92 2.56
C ILE A 696 27.44 -10.92 2.24
N LEU A 697 27.33 -9.89 3.08
CA LEU A 697 26.32 -8.86 2.90
C LEU A 697 26.87 -7.61 2.22
N GLN A 698 26.09 -7.03 1.32
CA GLN A 698 26.47 -5.79 0.66
C GLN A 698 26.30 -4.62 1.63
N GLU A 699 25.06 -4.36 2.02
CA GLU A 699 24.77 -3.33 3.01
C GLU A 699 24.34 -3.96 4.33
N HIS A 700 24.01 -3.12 5.30
CA HIS A 700 23.77 -3.58 6.66
C HIS A 700 22.37 -4.18 6.87
N GLU A 701 21.34 -3.42 6.53
CA GLU A 701 19.97 -3.79 6.88
C GLU A 701 19.31 -4.67 5.83
N ASP A 702 20.11 -5.36 5.03
CA ASP A 702 19.57 -6.26 4.01
C ASP A 702 19.01 -7.54 4.63
N ILE A 703 19.25 -7.73 5.91
CA ILE A 703 18.74 -8.89 6.64
C ILE A 703 17.22 -8.81 6.79
N TYR A 704 16.67 -7.61 6.61
CA TYR A 704 15.24 -7.38 6.72
C TYR A 704 14.47 -8.15 5.64
N PHE A 705 15.13 -8.38 4.51
CA PHE A 705 14.47 -8.99 3.37
C PHE A 705 14.64 -10.50 3.32
N LEU A 706 15.25 -11.07 4.35
CA LEU A 706 15.32 -12.52 4.51
C LEU A 706 14.40 -12.96 5.65
N TYR A 707 13.73 -14.09 5.47
CA TYR A 707 12.97 -14.68 6.56
C TYR A 707 13.94 -15.26 7.57
N PHE A 708 13.44 -15.51 8.79
CA PHE A 708 14.28 -15.92 9.91
C PHE A 708 15.12 -17.17 9.59
N GLU A 709 14.46 -18.22 9.11
CA GLU A 709 15.14 -19.49 8.85
C GLU A 709 16.16 -19.37 7.71
N GLU A 710 15.84 -18.55 6.72
CA GLU A 710 16.79 -18.27 5.64
C GLU A 710 18.04 -17.59 6.21
N LEU A 711 17.81 -16.69 7.16
CA LEU A 711 18.91 -15.94 7.77
C LEU A 711 19.79 -16.85 8.64
N ARG A 712 19.19 -17.87 9.24
CA ARG A 712 19.95 -18.85 10.01
C ARG A 712 20.96 -19.57 9.13
N GLU A 713 20.55 -19.86 7.90
CA GLU A 713 21.35 -20.66 6.98
C GLU A 713 22.47 -19.85 6.32
N VAL A 714 22.20 -18.56 6.08
CA VAL A 714 23.21 -17.68 5.50
C VAL A 714 24.39 -17.55 6.46
N VAL A 715 24.10 -17.48 7.75
CA VAL A 715 25.12 -17.40 8.78
C VAL A 715 25.90 -18.71 8.89
N ARG A 716 25.17 -19.83 8.83
CA ARG A 716 25.78 -21.15 8.95
C ARG A 716 26.60 -21.49 7.71
N THR A 717 26.26 -20.87 6.58
CA THR A 717 26.91 -21.18 5.31
C THR A 717 28.04 -20.20 4.98
N GLY A 718 27.66 -18.97 4.65
CA GLY A 718 28.60 -17.98 4.15
C GLY A 718 28.24 -17.63 2.73
N GLN A 719 27.08 -18.10 2.29
CA GLN A 719 26.57 -17.84 0.96
C GLN A 719 25.20 -17.20 1.02
N VAL A 720 24.80 -16.52 -0.05
CA VAL A 720 23.50 -15.87 -0.10
C VAL A 720 23.12 -15.43 -1.52
N ASP A 721 21.85 -15.62 -1.88
CA ASP A 721 21.33 -15.18 -3.17
C ASP A 721 20.83 -13.76 -3.06
N TYR A 722 21.48 -12.83 -3.75
CA TYR A 722 21.08 -11.42 -3.70
C TYR A 722 20.08 -11.07 -4.80
N GLU A 723 19.98 -11.93 -5.82
CA GLU A 723 18.95 -11.78 -6.83
C GLU A 723 17.59 -12.04 -6.20
N LEU A 724 17.59 -12.76 -5.08
CA LEU A 724 16.40 -12.94 -4.27
C LEU A 724 16.17 -11.72 -3.39
N ILE A 725 17.24 -11.21 -2.79
CA ILE A 725 17.19 -10.03 -1.93
C ILE A 725 16.62 -8.83 -2.68
N ASN A 726 17.17 -8.56 -3.87
CA ASN A 726 16.70 -7.47 -4.70
C ASN A 726 15.27 -7.73 -5.18
N ALA A 727 14.91 -8.99 -5.30
CA ALA A 727 13.55 -9.38 -5.66
C ALA A 727 12.61 -9.09 -4.49
N ARG A 728 13.08 -9.40 -3.29
CA ARG A 728 12.34 -9.08 -2.07
C ARG A 728 12.21 -7.57 -1.90
N LYS A 729 13.19 -6.83 -2.42
CA LYS A 729 13.21 -5.38 -2.28
C LYS A 729 12.20 -4.70 -3.20
N ARG A 730 12.07 -5.19 -4.43
CA ARG A 730 11.11 -4.60 -5.36
C ARG A 730 9.69 -5.08 -5.06
N ASP A 731 9.57 -6.30 -4.56
CA ASP A 731 8.27 -6.83 -4.17
C ASP A 731 7.70 -5.99 -3.03
N PHE A 732 8.53 -5.73 -2.03
CA PHE A 732 8.12 -4.91 -0.89
C PHE A 732 7.72 -3.51 -1.32
N ALA A 733 8.43 -2.98 -2.31
CA ALA A 733 8.11 -1.67 -2.86
C ALA A 733 6.77 -1.70 -3.57
N THR A 734 6.49 -2.81 -4.24
CA THR A 734 5.21 -3.03 -4.88
C THR A 734 4.12 -3.22 -3.82
N PHE A 735 4.49 -3.84 -2.70
CA PHE A 735 3.55 -4.12 -1.63
C PHE A 735 3.13 -2.86 -0.88
N GLU A 736 3.92 -1.79 -1.00
CA GLU A 736 3.62 -0.54 -0.31
C GLU A 736 2.49 0.23 -0.99
N LYS A 737 2.36 0.06 -2.30
CA LYS A 737 1.31 0.73 -3.06
C LYS A 737 -0.03 0.05 -2.87
N LEU A 738 -0.03 -1.10 -2.21
CA LEU A 738 -1.24 -1.87 -1.97
C LEU A 738 -1.85 -1.57 -0.61
N THR A 739 -3.15 -1.78 -0.49
CA THR A 739 -3.84 -1.75 0.79
C THR A 739 -4.52 -3.09 1.01
N PRO A 740 -4.19 -3.76 2.13
CA PRO A 740 -4.73 -5.10 2.42
C PRO A 740 -6.25 -5.09 2.58
N PRO A 741 -6.92 -6.14 2.06
CA PRO A 741 -8.37 -6.30 2.20
C PRO A 741 -8.74 -7.03 3.49
N ARG A 742 -9.92 -6.74 4.04
CA ARG A 742 -10.37 -7.41 5.25
C ARG A 742 -10.59 -8.90 5.00
N ILE A 743 -11.07 -9.21 3.80
CA ILE A 743 -11.25 -10.59 3.38
C ILE A 743 -10.56 -10.82 2.03
N LEU A 744 -9.69 -11.83 1.99
CA LEU A 744 -8.99 -12.18 0.76
C LEU A 744 -9.27 -13.64 0.39
N THR A 745 -9.65 -13.86 -0.87
CA THR A 745 -9.99 -15.20 -1.32
C THR A 745 -8.81 -15.87 -2.03
N SER A 746 -9.00 -17.15 -2.37
CA SER A 746 -7.99 -17.90 -3.11
C SER A 746 -7.96 -17.49 -4.58
N ASP A 747 -8.96 -16.71 -5.00
CA ASP A 747 -9.03 -16.21 -6.37
C ASP A 747 -8.54 -14.76 -6.45
N GLY A 748 -7.99 -14.27 -5.34
CA GLY A 748 -7.40 -12.94 -5.30
C GLY A 748 -8.41 -11.82 -5.10
N GLU A 749 -9.67 -12.17 -4.93
CA GLU A 749 -10.72 -11.17 -4.78
C GLU A 749 -10.60 -10.46 -3.43
N MET A 750 -10.62 -9.13 -3.46
CA MET A 750 -10.50 -8.34 -2.25
C MET A 750 -11.87 -7.90 -1.75
N ILE A 751 -12.26 -8.43 -0.59
CA ILE A 751 -13.56 -8.13 -0.02
C ILE A 751 -13.45 -7.26 1.23
N ASN A 752 -13.73 -5.97 1.07
CA ASN A 752 -13.87 -5.10 2.22
C ASN A 752 -15.34 -5.00 2.59
N GLY A 753 -15.64 -4.41 3.75
CA GLY A 753 -17.00 -4.26 4.18
C GLY A 753 -17.71 -3.12 3.49
N GLU A 754 -18.99 -2.95 3.80
CA GLU A 754 -19.76 -1.82 3.28
C GLU A 754 -20.68 -1.29 4.37
N TYR A 755 -20.74 0.02 4.52
CA TYR A 755 -21.59 0.63 5.53
C TYR A 755 -23.03 0.80 5.04
N LYS A 756 -23.98 0.41 5.88
CA LYS A 756 -25.39 0.60 5.60
C LYS A 756 -25.80 2.03 5.94
N ARG A 757 -26.39 2.73 4.98
CA ARG A 757 -26.69 4.15 5.11
C ARG A 757 -27.97 4.59 4.39
N GLU A 758 -28.90 5.19 5.15
CA GLU A 758 -29.87 6.18 4.65
C GLU A 758 -30.27 7.04 5.85
N ASN A 759 -30.97 8.15 5.58
CA ASN A 759 -31.20 9.22 6.56
C ASN A 759 -29.86 9.84 6.99
N LEU A 760 -28.89 9.72 6.10
CA LEU A 760 -27.57 10.30 6.28
C LEU A 760 -27.18 10.94 4.94
N PRO A 761 -26.55 12.13 5.00
CA PRO A 761 -26.22 12.96 3.84
C PRO A 761 -25.71 12.20 2.61
N LYS A 762 -26.19 12.60 1.42
CA LYS A 762 -25.68 12.14 0.12
C LYS A 762 -24.16 12.00 0.14
N ASP A 763 -23.52 13.14 0.38
CA ASP A 763 -22.08 13.31 0.25
C ASP A 763 -21.22 12.49 1.20
N ALA A 764 -21.74 12.24 2.40
CA ALA A 764 -20.93 11.75 3.52
C ALA A 764 -20.11 10.50 3.24
N ILE A 765 -18.87 10.51 3.72
CA ILE A 765 -18.04 9.32 3.74
C ILE A 765 -18.28 8.63 5.08
N LEU A 766 -18.54 7.33 5.04
CA LEU A 766 -18.97 6.60 6.23
C LEU A 766 -17.83 5.87 6.93
N GLY A 767 -17.93 5.77 8.25
CA GLY A 767 -16.94 5.06 9.05
C GLY A 767 -17.57 4.48 10.30
N LEU A 768 -16.75 4.27 11.33
CA LEU A 768 -17.25 3.77 12.60
C LEU A 768 -17.16 4.83 13.71
N PRO A 769 -18.27 5.05 14.43
CA PRO A 769 -18.30 6.00 15.54
C PRO A 769 -17.44 5.51 16.70
N VAL A 770 -16.61 6.39 17.24
CA VAL A 770 -15.67 6.03 18.30
C VAL A 770 -15.83 6.94 19.51
N SER A 771 -15.95 8.24 19.25
CA SER A 771 -16.07 9.21 20.32
C SER A 771 -17.16 10.24 20.05
N SER A 772 -18.10 10.33 20.99
CA SER A 772 -19.22 11.27 20.89
C SER A 772 -18.73 12.71 20.73
N GLY A 773 -19.18 13.39 19.69
CA GLY A 773 -18.84 14.79 19.50
C GLY A 773 -18.86 15.28 18.07
N THR A 774 -19.20 16.55 17.89
CA THR A 774 -19.20 17.15 16.56
C THR A 774 -18.34 18.41 16.52
N VAL A 775 -17.39 18.44 15.59
CA VAL A 775 -16.55 19.61 15.39
C VAL A 775 -16.09 19.67 13.94
N GLU A 776 -15.64 20.85 13.51
CA GLU A 776 -15.05 20.99 12.19
C GLU A 776 -13.68 21.66 12.31
N GLY A 777 -12.88 21.54 11.26
CA GLY A 777 -11.55 22.11 11.26
C GLY A 777 -10.74 21.69 10.05
N ARG A 778 -9.48 22.11 10.02
CA ARG A 778 -8.59 21.80 8.91
C ARG A 778 -8.07 20.37 9.00
N ALA A 779 -8.09 19.68 7.87
CA ALA A 779 -7.62 18.30 7.81
C ALA A 779 -6.13 18.23 7.52
N ARG A 780 -5.42 17.41 8.29
CA ARG A 780 -4.02 17.16 8.06
C ARG A 780 -3.78 15.69 7.76
N VAL A 781 -3.69 15.36 6.47
CA VAL A 781 -3.46 13.98 6.05
C VAL A 781 -1.99 13.63 6.19
N ILE A 782 -1.68 12.84 7.21
CA ILE A 782 -0.30 12.59 7.60
C ILE A 782 -0.04 11.11 7.83
N LEU A 783 0.90 10.55 7.05
CA LEU A 783 1.22 9.12 7.14
C LEU A 783 2.33 8.84 8.15
N GLU A 784 3.52 9.36 7.89
CA GLU A 784 4.66 9.23 8.76
C GLU A 784 4.46 10.10 9.97
N MET A 785 5.14 9.81 11.07
CA MET A 785 5.04 10.71 12.23
C MET A 785 6.06 11.83 12.12
N GLU A 786 6.56 12.05 10.91
CA GLU A 786 7.56 13.08 10.65
C GLU A 786 6.95 14.24 9.86
N LYS A 787 5.78 14.04 9.31
CA LYS A 787 5.13 15.11 8.61
C LYS A 787 4.09 15.64 9.56
N ALA A 788 4.19 15.20 10.81
CA ALA A 788 3.25 15.55 11.82
C ALA A 788 3.42 16.93 12.38
N ASP A 789 3.19 17.91 11.52
CA ASP A 789 3.24 19.30 11.91
C ASP A 789 1.80 19.55 12.27
N LEU A 790 1.52 19.57 13.54
CA LEU A 790 0.18 19.76 14.05
C LEU A 790 0.03 21.08 14.80
N GLU A 791 -0.81 21.96 14.26
CA GLU A 791 -1.17 23.19 14.93
C GLU A 791 -2.44 22.95 15.76
N ASP A 792 -3.15 23.99 16.14
CA ASP A 792 -4.23 23.83 17.12
C ASP A 792 -5.47 23.15 16.53
N GLY A 793 -6.20 23.88 15.68
CA GLY A 793 -7.49 23.41 15.20
C GLY A 793 -7.47 22.32 14.14
N ASP A 794 -6.38 21.56 14.07
CA ASP A 794 -6.24 20.53 13.06
C ASP A 794 -7.01 19.24 13.38
N ILE A 795 -7.29 18.47 12.34
CA ILE A 795 -7.86 17.14 12.51
C ILE A 795 -6.97 16.10 11.83
N LEU A 796 -6.46 15.17 12.61
CA LEU A 796 -5.51 14.17 12.10
C LEU A 796 -6.18 13.13 11.22
N VAL A 797 -5.70 13.01 9.99
CA VAL A 797 -6.19 12.00 9.06
C VAL A 797 -5.06 11.07 8.64
N THR A 798 -5.12 9.82 9.10
CA THR A 798 -4.05 8.86 8.84
C THR A 798 -4.60 7.46 8.58
N ALA A 799 -3.71 6.53 8.26
CA ALA A 799 -4.11 5.16 7.96
C ALA A 799 -4.50 4.41 9.24
N TYR A 800 -3.69 4.55 10.27
CA TYR A 800 -3.93 3.87 11.53
C TYR A 800 -3.37 4.68 12.70
N THR A 801 -3.89 4.42 13.90
CA THR A 801 -3.39 5.06 15.10
C THR A 801 -2.81 4.04 16.06
N ASP A 802 -1.49 4.00 16.14
CA ASP A 802 -0.79 3.13 17.07
C ASP A 802 -0.75 3.77 18.44
N PRO A 803 -0.42 2.98 19.48
CA PRO A 803 -0.15 3.58 20.80
C PRO A 803 0.96 4.64 20.72
N SER A 804 1.88 4.48 19.77
CA SER A 804 2.95 5.44 19.56
C SER A 804 2.44 6.72 18.89
N TRP A 805 1.25 6.63 18.30
CA TRP A 805 0.62 7.80 17.68
C TRP A 805 -0.10 8.64 18.72
N THR A 806 -0.42 8.04 19.86
CA THR A 806 -1.21 8.69 20.90
C THR A 806 -0.63 9.99 21.51
N PRO A 807 0.71 10.15 21.54
CA PRO A 807 1.17 11.45 22.03
C PRO A 807 0.76 12.65 21.16
N ALA A 808 0.24 12.38 19.96
CA ALA A 808 -0.17 13.44 19.06
C ALA A 808 -1.61 13.86 19.27
N PHE A 809 -2.28 13.24 20.25
CA PHE A 809 -3.69 13.51 20.50
C PHE A 809 -3.90 14.76 21.34
N VAL A 810 -2.80 15.44 21.65
CA VAL A 810 -2.85 16.64 22.48
C VAL A 810 -3.04 17.89 21.62
N SER A 811 -2.68 17.78 20.35
CA SER A 811 -2.67 18.95 19.47
C SER A 811 -3.79 18.91 18.43
N ILE A 812 -4.60 17.86 18.44
CA ILE A 812 -5.66 17.72 17.45
C ILE A 812 -7.05 17.96 18.05
N LYS A 813 -8.05 18.05 17.17
CA LYS A 813 -9.43 18.27 17.59
C LYS A 813 -10.33 17.12 17.11
N GLY A 814 -9.88 16.40 16.09
CA GLY A 814 -10.63 15.27 15.57
C GLY A 814 -9.69 14.19 15.04
N LEU A 815 -10.23 12.99 14.84
CA LEU A 815 -9.42 11.87 14.36
C LEU A 815 -10.13 11.02 13.32
N VAL A 816 -9.50 10.85 12.16
CA VAL A 816 -10.03 10.01 11.10
C VAL A 816 -8.99 8.99 10.65
N THR A 817 -9.28 7.71 10.87
CA THR A 817 -8.35 6.65 10.47
C THR A 817 -9.00 5.67 9.50
N GLU A 818 -8.18 5.07 8.64
CA GLU A 818 -8.67 4.11 7.65
C GLU A 818 -9.07 2.80 8.32
N VAL A 819 -8.54 2.57 9.52
CA VAL A 819 -8.84 1.36 10.27
C VAL A 819 -8.70 1.65 11.77
N GLY A 820 -9.59 1.06 12.57
CA GLY A 820 -9.55 1.24 14.01
C GLY A 820 -10.63 0.45 14.72
N GLY A 821 -10.57 0.46 16.05
CA GLY A 821 -11.55 -0.25 16.85
C GLY A 821 -12.21 0.67 17.85
N LEU A 822 -13.32 0.20 18.42
CA LEU A 822 -14.07 1.00 19.40
C LEU A 822 -13.30 1.17 20.70
N MET A 823 -12.39 0.23 20.98
CA MET A 823 -11.64 0.29 22.24
C MET A 823 -10.14 0.04 22.07
N THR A 824 -9.57 0.57 20.99
CA THR A 824 -8.12 0.72 20.91
C THR A 824 -7.77 1.90 21.81
N HIS A 825 -6.51 2.03 22.20
CA HIS A 825 -6.14 3.09 23.14
C HIS A 825 -6.38 4.48 22.56
N GLY A 826 -6.22 4.62 21.25
CA GLY A 826 -6.52 5.87 20.58
C GLY A 826 -7.99 6.21 20.74
N ALA A 827 -8.83 5.19 20.67
CA ALA A 827 -10.27 5.35 20.83
C ALA A 827 -10.64 5.72 22.26
N VAL A 828 -9.80 5.32 23.21
CA VAL A 828 -10.07 5.55 24.62
C VAL A 828 -9.80 6.99 25.03
N ILE A 829 -8.59 7.46 24.74
CA ILE A 829 -8.18 8.81 25.14
C ILE A 829 -8.85 9.88 24.27
N ALA A 830 -9.48 9.46 23.18
CA ALA A 830 -10.24 10.37 22.34
C ALA A 830 -11.54 10.76 23.03
N ARG A 831 -12.08 9.84 23.82
CA ARG A 831 -13.30 10.09 24.57
C ARG A 831 -13.04 10.91 25.82
N GLU A 832 -11.82 10.80 26.34
CA GLU A 832 -11.43 11.51 27.55
C GLU A 832 -11.12 12.97 27.26
N TYR A 833 -10.47 13.21 26.12
CA TYR A 833 -10.13 14.56 25.71
C TYR A 833 -11.33 15.26 25.11
N GLY A 834 -12.34 14.48 24.74
CA GLY A 834 -13.52 15.01 24.08
C GLY A 834 -13.30 15.17 22.59
N LEU A 835 -12.39 14.35 22.06
CA LEU A 835 -12.02 14.41 20.65
C LEU A 835 -12.92 13.50 19.81
N PRO A 836 -13.79 14.10 18.98
CA PRO A 836 -14.61 13.31 18.06
C PRO A 836 -13.73 12.52 17.08
N ALA A 837 -13.95 11.22 17.01
CA ALA A 837 -13.11 10.36 16.17
C ALA A 837 -13.94 9.36 15.37
N VAL A 838 -13.54 9.15 14.13
CA VAL A 838 -14.19 8.19 13.24
C VAL A 838 -13.18 7.25 12.60
N VAL A 839 -13.36 5.96 12.80
CA VAL A 839 -12.44 4.97 12.25
C VAL A 839 -13.10 4.11 11.18
N GLY A 840 -12.32 3.24 10.55
CA GLY A 840 -12.84 2.34 9.54
C GLY A 840 -13.29 3.06 8.29
N VAL A 841 -12.64 4.17 7.98
CA VAL A 841 -12.97 4.96 6.80
C VAL A 841 -12.03 4.59 5.65
N GLU A 842 -12.51 3.74 4.75
CA GLU A 842 -11.68 3.24 3.65
C GLU A 842 -11.22 4.37 2.73
N ASN A 843 -9.94 4.35 2.38
CA ASN A 843 -9.33 5.32 1.49
C ASN A 843 -9.49 6.76 1.98
N ALA A 844 -9.42 6.94 3.29
CA ALA A 844 -9.56 8.27 3.88
C ALA A 844 -8.34 9.13 3.58
N THR A 845 -7.19 8.51 3.43
CA THR A 845 -5.95 9.23 3.17
C THR A 845 -5.75 9.50 1.68
N THR A 846 -6.74 9.13 0.88
CA THR A 846 -6.70 9.37 -0.55
C THR A 846 -7.78 10.37 -0.97
N ILE A 847 -8.99 10.18 -0.44
CA ILE A 847 -10.12 11.04 -0.75
C ILE A 847 -9.95 12.41 -0.12
N ILE A 848 -9.83 12.45 1.20
CA ILE A 848 -9.55 13.68 1.92
C ILE A 848 -8.18 14.21 1.54
N LYS A 849 -8.15 15.28 0.77
CA LYS A 849 -6.88 15.92 0.40
C LYS A 849 -6.45 16.82 1.54
N ASP A 850 -5.15 16.87 1.79
CA ASP A 850 -4.61 17.67 2.89
C ASP A 850 -4.91 19.15 2.71
N GLY A 851 -5.41 19.77 3.79
CA GLY A 851 -5.69 21.20 3.78
C GLY A 851 -7.18 21.53 3.82
N GLN A 852 -8.00 20.58 3.38
CA GLN A 852 -9.45 20.80 3.33
C GLN A 852 -10.06 21.00 4.70
N GLN A 853 -11.03 21.91 4.77
CA GLN A 853 -11.84 22.06 5.97
C GLN A 853 -12.90 20.96 6.01
N ILE A 854 -12.74 20.04 6.95
CA ILE A 854 -13.65 18.88 7.03
C ILE A 854 -14.53 18.94 8.27
N ARG A 855 -15.59 18.16 8.26
CA ARG A 855 -16.50 18.07 9.39
C ARG A 855 -16.50 16.65 9.96
N ILE A 856 -16.61 16.53 11.26
CA ILE A 856 -16.64 15.23 11.84
C ILE A 856 -17.63 15.20 12.98
N ASN A 857 -18.33 14.08 13.04
CA ASN A 857 -19.39 13.82 13.96
C ASN A 857 -19.13 12.49 14.54
N GLY A 858 -19.67 12.22 15.72
CA GLY A 858 -19.45 10.96 16.38
C GLY A 858 -19.93 9.84 15.50
N THR A 859 -20.86 10.12 14.58
CA THR A 859 -21.37 9.07 13.72
C THR A 859 -20.79 8.90 12.30
N GLU A 860 -20.84 9.99 11.53
CA GLU A 860 -20.40 10.04 10.13
C GLU A 860 -19.75 11.39 10.01
N GLY A 861 -18.99 11.66 8.97
CA GLY A 861 -18.36 12.97 8.99
C GLY A 861 -18.00 13.09 7.50
N TYR A 862 -18.21 14.30 6.97
CA TYR A 862 -17.88 14.66 5.58
C TYR A 862 -17.26 16.07 5.45
N ILE A 863 -16.56 16.31 4.35
CA ILE A 863 -15.81 17.55 4.13
C ILE A 863 -16.68 18.78 3.87
N GLU A 864 -16.09 19.97 4.05
CA GLU A 864 -16.78 21.22 3.77
C GLU A 864 -15.99 22.04 2.75
N ILE A 865 -16.47 22.07 1.51
CA ILE A 865 -15.80 22.78 0.43
C ILE A 865 -15.96 24.30 0.56
MG MG B . -1.21 0.80 -25.68
PB ADP C . 0.69 3.36 -26.03
O1B ADP C . 0.86 2.61 -24.73
O2B ADP C . -0.19 4.58 -25.93
O3B ADP C . 1.96 3.56 -26.81
PA ADP C . -0.38 2.75 -28.50
O1A ADP C . 0.48 1.93 -29.40
O2A ADP C . -0.30 4.25 -28.58
O3A ADP C . -0.15 2.34 -26.96
O5' ADP C . -1.93 2.38 -28.72
C5' ADP C . -2.85 3.45 -28.92
C4' ADP C . -4.14 2.89 -29.50
O4' ADP C . -3.99 2.73 -30.91
C3' ADP C . -4.46 1.52 -28.92
O3' ADP C . -5.49 1.62 -27.93
C2' ADP C . -4.94 0.70 -30.10
O2' ADP C . -6.34 0.45 -29.99
C1' ADP C . -4.67 1.56 -31.33
N9 ADP C . -3.82 0.79 -32.28
C8 ADP C . -2.51 0.52 -32.11
N7 ADP C . -2.04 -0.21 -33.15
C5 ADP C . -3.06 -0.41 -34.01
C6 ADP C . -3.25 -1.09 -35.30
N6 ADP C . -2.21 -1.73 -35.91
N1 ADP C . -4.48 -1.07 -35.86
C2 ADP C . -5.52 -0.44 -35.26
N3 ADP C . -5.42 0.19 -34.08
C4 ADP C . -4.23 0.25 -33.42
#